data_1SGJ
#
_entry.id   1SGJ
#
_cell.length_a   57.610
_cell.length_b   73.280
_cell.length_c   74.480
_cell.angle_alpha   68.26
_cell.angle_beta   83.51
_cell.angle_gamma   68.38
#
_symmetry.space_group_name_H-M   'P 1'
#
loop_
_entity.id
_entity.type
_entity.pdbx_description
1 polymer 'citrate lyase, beta subunit'
2 non-polymer 'OXALOACETATE ION'
3 non-polymer 'MAGNESIUM ION'
4 water water
#
_entity_poly.entity_id   1
_entity_poly.type   'polypeptide(L)'
_entity_poly.pdbx_seq_one_letter_code
;MNAPPALLRSVLFAPGNRADLIAKLPRSAPDAVVIDLEDAVPGTAEAKAAARPVAHDAARDLIAAAPHLAVFVRVNALHS
PYFEDDLSVLTPELSGVVVPKLEMGAEARQVAQMLQERSLPLPILAGLETGAGVWNAREIMEVPEVAWAYFGAEDYTTDL
GGKRTPGGLEVLYARSQVALAARLTGVAALDIVVTALNDPETFRADAEQGRALGYSGKLCIHPAQVALAHEYFGPTEADR
ARARALLDAAAAAAQRGHGAFSFEGQMVDEPMLAKARTLLSHEA
;
_entity_poly.pdbx_strand_id   A,B,C
#
# COMPACT_ATOMS: atom_id res chain seq x y z
N PRO A 4 -30.65 -9.29 2.53
CA PRO A 4 -29.77 -9.35 3.72
C PRO A 4 -29.32 -7.94 4.09
N PRO A 5 -28.86 -7.75 5.34
CA PRO A 5 -28.41 -6.42 5.75
C PRO A 5 -27.12 -6.04 5.03
N ALA A 6 -26.92 -4.76 4.80
CA ALA A 6 -25.71 -4.31 4.13
C ALA A 6 -24.54 -4.56 5.08
N LEU A 7 -24.86 -4.88 6.34
CA LEU A 7 -23.83 -5.13 7.35
C LEU A 7 -23.89 -6.50 8.01
N LEU A 8 -22.81 -7.25 7.83
CA LEU A 8 -22.67 -8.59 8.41
C LEU A 8 -21.44 -8.50 9.30
N ARG A 9 -21.63 -8.68 10.60
CA ARG A 9 -20.53 -8.61 11.57
C ARG A 9 -19.78 -9.93 11.61
N SER A 10 -20.50 -11.00 11.30
CA SER A 10 -19.93 -12.34 11.33
C SER A 10 -20.49 -13.19 10.18
N VAL A 11 -19.60 -13.95 9.54
CA VAL A 11 -19.98 -14.85 8.44
C VAL A 11 -19.33 -16.21 8.73
N LEU A 12 -20.15 -17.16 9.15
CA LEU A 12 -19.72 -18.52 9.51
C LEU A 12 -19.86 -19.53 8.37
N PHE A 13 -18.80 -20.30 8.14
CA PHE A 13 -18.76 -21.31 7.08
C PHE A 13 -19.03 -22.75 7.54
N ALA A 14 -19.54 -23.55 6.63
CA ALA A 14 -19.79 -24.98 6.87
C ALA A 14 -19.61 -25.68 5.53
N PRO A 15 -19.06 -26.91 5.52
CA PRO A 15 -18.86 -27.65 4.28
C PRO A 15 -20.18 -27.97 3.58
N GLY A 16 -20.26 -27.70 2.29
CA GLY A 16 -21.48 -27.96 1.53
C GLY A 16 -21.97 -29.40 1.50
N ASN A 17 -21.09 -30.36 1.78
CA ASN A 17 -21.50 -31.75 1.77
C ASN A 17 -21.68 -32.32 3.17
N ARG A 18 -21.92 -31.44 4.14
CA ARG A 18 -22.13 -31.87 5.53
C ARG A 18 -23.46 -31.33 6.03
N ALA A 19 -24.53 -32.02 5.68
CA ALA A 19 -25.88 -31.63 6.08
C ALA A 19 -25.98 -31.37 7.57
N ASP A 20 -25.25 -32.16 8.35
CA ASP A 20 -25.25 -32.05 9.80
C ASP A 20 -24.61 -30.75 10.31
N LEU A 21 -23.49 -30.36 9.72
CA LEU A 21 -22.82 -29.14 10.14
C LEU A 21 -23.62 -27.92 9.69
N ILE A 22 -24.22 -28.01 8.51
CA ILE A 22 -25.03 -26.91 7.99
C ILE A 22 -26.21 -26.62 8.92
N ALA A 23 -26.83 -27.69 9.44
CA ALA A 23 -27.98 -27.54 10.33
C ALA A 23 -27.58 -26.95 11.68
N LYS A 24 -26.33 -27.15 12.09
CA LYS A 24 -25.84 -26.62 13.36
C LYS A 24 -25.39 -25.15 13.24
N LEU A 25 -25.34 -24.66 12.00
CA LEU A 25 -24.92 -23.30 11.70
C LEU A 25 -25.55 -22.15 12.50
N PRO A 26 -26.86 -22.23 12.81
CA PRO A 26 -27.49 -21.15 13.57
C PRO A 26 -27.25 -21.10 15.07
N ARG A 27 -26.66 -22.16 15.63
CA ARG A 27 -26.45 -22.21 17.08
C ARG A 27 -25.82 -20.97 17.72
N SER A 28 -24.77 -20.44 17.10
CA SER A 28 -24.07 -19.26 17.63
C SER A 28 -24.66 -17.93 17.18
N ALA A 29 -25.74 -17.99 16.39
CA ALA A 29 -26.40 -16.80 15.89
C ALA A 29 -25.51 -15.85 15.08
N PRO A 30 -24.81 -16.36 14.08
CA PRO A 30 -23.96 -15.47 13.28
C PRO A 30 -24.89 -14.61 12.43
N ASP A 31 -24.42 -13.47 11.94
CA ASP A 31 -25.28 -12.62 11.13
C ASP A 31 -25.55 -13.29 9.79
N ALA A 32 -24.57 -14.06 9.32
CA ALA A 32 -24.71 -14.77 8.05
C ALA A 32 -23.91 -16.06 8.07
N VAL A 33 -24.26 -17.00 7.20
CA VAL A 33 -23.54 -18.25 7.11
C VAL A 33 -23.25 -18.56 5.65
N VAL A 34 -22.27 -19.43 5.43
CA VAL A 34 -21.86 -19.79 4.07
C VAL A 34 -21.72 -21.30 3.89
N ILE A 35 -22.58 -21.87 3.05
CA ILE A 35 -22.55 -23.31 2.76
C ILE A 35 -21.55 -23.35 1.60
N ASP A 36 -20.36 -23.87 1.89
CA ASP A 36 -19.25 -23.89 0.95
C ASP A 36 -19.03 -25.10 0.05
N LEU A 37 -19.08 -24.87 -1.26
CA LEU A 37 -18.87 -25.93 -2.24
C LEU A 37 -17.45 -25.86 -2.77
N GLU A 38 -16.72 -24.81 -2.39
CA GLU A 38 -15.34 -24.65 -2.87
C GLU A 38 -14.32 -25.37 -1.98
N ASP A 39 -13.51 -24.59 -1.26
CA ASP A 39 -12.46 -25.14 -0.39
C ASP A 39 -12.89 -26.29 0.51
N ALA A 40 -14.05 -26.17 1.14
CA ALA A 40 -14.53 -27.21 2.05
C ALA A 40 -14.75 -28.58 1.42
N VAL A 41 -14.87 -28.65 0.10
CA VAL A 41 -15.10 -29.93 -0.57
C VAL A 41 -14.00 -30.29 -1.59
N PRO A 42 -13.57 -31.56 -1.62
CA PRO A 42 -12.52 -32.08 -2.51
C PRO A 42 -12.59 -31.58 -3.95
N GLY A 43 -11.42 -31.42 -4.57
CA GLY A 43 -11.35 -30.95 -5.94
C GLY A 43 -11.49 -32.02 -7.01
N THR A 44 -12.58 -32.80 -6.95
CA THR A 44 -12.83 -33.84 -7.94
C THR A 44 -14.22 -33.63 -8.49
N ALA A 45 -14.42 -34.01 -9.75
CA ALA A 45 -15.73 -33.87 -10.38
C ALA A 45 -16.76 -34.64 -9.56
N GLU A 46 -16.33 -35.77 -9.01
CA GLU A 46 -17.22 -36.62 -8.21
C GLU A 46 -17.64 -36.00 -6.88
N ALA A 47 -16.67 -35.43 -6.15
CA ALA A 47 -16.99 -34.82 -4.87
C ALA A 47 -17.86 -33.57 -5.03
N LYS A 48 -17.55 -32.76 -6.04
CA LYS A 48 -18.32 -31.54 -6.29
C LYS A 48 -19.75 -31.85 -6.73
N ALA A 49 -19.93 -32.96 -7.45
CA ALA A 49 -21.27 -33.33 -7.90
C ALA A 49 -22.09 -33.86 -6.73
N ALA A 50 -21.47 -34.71 -5.92
CA ALA A 50 -22.14 -35.28 -4.76
C ALA A 50 -22.57 -34.20 -3.77
N ALA A 51 -21.75 -33.16 -3.63
CA ALA A 51 -22.04 -32.07 -2.70
C ALA A 51 -23.21 -31.16 -3.10
N ARG A 52 -23.48 -31.06 -4.40
CA ARG A 52 -24.55 -30.17 -4.86
C ARG A 52 -25.94 -30.46 -4.29
N PRO A 53 -26.44 -31.71 -4.37
CA PRO A 53 -27.76 -31.97 -3.83
C PRO A 53 -27.83 -31.87 -2.30
N VAL A 54 -26.73 -32.20 -1.64
CA VAL A 54 -26.67 -32.13 -0.18
C VAL A 54 -26.78 -30.69 0.31
N ALA A 55 -26.01 -29.79 -0.30
CA ALA A 55 -26.04 -28.39 0.09
C ALA A 55 -27.35 -27.75 -0.35
N HIS A 56 -27.90 -28.19 -1.49
CA HIS A 56 -29.15 -27.62 -1.95
C HIS A 56 -30.26 -27.88 -0.94
N ASP A 57 -30.40 -29.14 -0.51
CA ASP A 57 -31.44 -29.48 0.46
C ASP A 57 -31.15 -28.90 1.83
N ALA A 58 -29.88 -28.86 2.21
CA ALA A 58 -29.48 -28.31 3.51
C ALA A 58 -29.79 -26.82 3.59
N ALA A 59 -29.58 -26.12 2.48
CA ALA A 59 -29.85 -24.68 2.41
C ALA A 59 -31.34 -24.43 2.58
N ARG A 60 -32.14 -25.26 1.93
CA ARG A 60 -33.60 -25.14 1.99
C ARG A 60 -34.07 -25.40 3.43
N ASP A 61 -33.60 -26.48 4.04
CA ASP A 61 -33.99 -26.81 5.41
C ASP A 61 -33.59 -25.70 6.37
N LEU A 62 -32.37 -25.21 6.22
CA LEU A 62 -31.84 -24.16 7.08
C LEU A 62 -32.67 -22.88 7.02
N ILE A 63 -32.95 -22.41 5.81
CA ILE A 63 -33.73 -21.19 5.64
C ILE A 63 -35.12 -21.33 6.27
N ALA A 64 -35.68 -22.52 6.23
CA ALA A 64 -36.99 -22.76 6.82
C ALA A 64 -36.94 -22.84 8.35
N ALA A 65 -35.81 -23.27 8.89
CA ALA A 65 -35.66 -23.39 10.35
C ALA A 65 -35.23 -22.08 11.00
N ALA A 66 -34.42 -21.29 10.30
CA ALA A 66 -33.94 -20.01 10.79
C ALA A 66 -34.24 -18.97 9.73
N PRO A 67 -35.52 -18.57 9.61
CA PRO A 67 -36.02 -17.59 8.64
C PRO A 67 -35.34 -16.22 8.63
N HIS A 68 -34.71 -15.84 9.74
CA HIS A 68 -34.06 -14.54 9.80
C HIS A 68 -32.54 -14.59 9.61
N LEU A 69 -32.02 -15.77 9.31
CA LEU A 69 -30.59 -15.95 9.09
C LEU A 69 -30.26 -15.67 7.62
N ALA A 70 -29.21 -14.90 7.36
CA ALA A 70 -28.82 -14.62 6.00
C ALA A 70 -28.01 -15.83 5.52
N VAL A 71 -28.57 -16.59 4.58
CA VAL A 71 -27.89 -17.79 4.09
C VAL A 71 -27.29 -17.65 2.70
N PHE A 72 -26.00 -17.92 2.63
CA PHE A 72 -25.25 -17.83 1.38
C PHE A 72 -24.70 -19.19 0.99
N VAL A 73 -24.37 -19.34 -0.28
CA VAL A 73 -23.76 -20.55 -0.78
C VAL A 73 -22.49 -20.07 -1.50
N ARG A 74 -21.36 -20.69 -1.22
CA ARG A 74 -20.15 -20.30 -1.93
C ARG A 74 -19.94 -21.33 -3.03
N VAL A 75 -19.87 -20.86 -4.27
CA VAL A 75 -19.67 -21.73 -5.41
C VAL A 75 -18.17 -21.71 -5.72
N ASN A 76 -17.75 -22.57 -6.63
CA ASN A 76 -16.35 -22.63 -7.01
C ASN A 76 -16.01 -21.44 -7.90
N ALA A 77 -14.72 -21.21 -8.13
CA ALA A 77 -14.27 -20.08 -8.95
C ALA A 77 -14.84 -20.11 -10.36
N LEU A 78 -15.08 -18.90 -10.90
CA LEU A 78 -15.62 -18.74 -12.24
C LEU A 78 -14.94 -19.61 -13.28
N HIS A 79 -13.62 -19.65 -13.25
CA HIS A 79 -12.85 -20.41 -14.22
C HIS A 79 -12.54 -21.86 -13.87
N SER A 80 -13.17 -22.38 -12.83
CA SER A 80 -12.96 -23.77 -12.44
C SER A 80 -13.96 -24.56 -13.29
N PRO A 81 -13.77 -25.88 -13.39
CA PRO A 81 -14.73 -26.66 -14.20
C PRO A 81 -16.00 -26.95 -13.40
N TYR A 82 -16.15 -26.32 -12.25
CA TYR A 82 -17.32 -26.58 -11.39
C TYR A 82 -18.34 -25.46 -11.28
N PHE A 83 -17.92 -24.23 -11.60
CA PHE A 83 -18.80 -23.07 -11.49
C PHE A 83 -20.19 -23.30 -12.07
N GLU A 84 -20.25 -23.64 -13.35
CA GLU A 84 -21.49 -23.88 -14.09
C GLU A 84 -22.52 -24.71 -13.34
N ASP A 85 -22.14 -25.93 -12.97
CA ASP A 85 -23.02 -26.86 -12.27
C ASP A 85 -23.33 -26.43 -10.84
N ASP A 86 -22.48 -25.57 -10.27
CA ASP A 86 -22.72 -25.11 -8.91
C ASP A 86 -23.94 -24.20 -8.88
N LEU A 87 -24.16 -23.46 -9.96
CA LEU A 87 -25.29 -22.54 -10.03
C LEU A 87 -26.63 -23.23 -9.85
N SER A 88 -26.73 -24.48 -10.28
CA SER A 88 -27.96 -25.25 -10.15
C SER A 88 -28.38 -25.39 -8.70
N VAL A 89 -27.44 -25.14 -7.80
CA VAL A 89 -27.69 -25.26 -6.38
C VAL A 89 -28.40 -24.04 -5.79
N LEU A 90 -28.19 -22.89 -6.42
CA LEU A 90 -28.76 -21.64 -5.94
C LEU A 90 -30.28 -21.52 -6.05
N THR A 91 -30.85 -20.71 -5.17
CA THR A 91 -32.28 -20.44 -5.16
C THR A 91 -32.48 -19.00 -4.70
N PRO A 92 -33.57 -18.36 -5.15
CA PRO A 92 -33.87 -16.98 -4.79
C PRO A 92 -33.96 -16.73 -3.28
N GLU A 93 -34.15 -17.80 -2.50
CA GLU A 93 -34.27 -17.67 -1.05
C GLU A 93 -32.95 -17.36 -0.35
N LEU A 94 -31.83 -17.61 -1.03
CA LEU A 94 -30.52 -17.32 -0.46
C LEU A 94 -30.39 -15.80 -0.41
N SER A 95 -29.58 -15.30 0.52
CA SER A 95 -29.36 -13.88 0.65
C SER A 95 -28.34 -13.44 -0.39
N GLY A 96 -27.53 -14.40 -0.84
CA GLY A 96 -26.55 -14.09 -1.85
C GLY A 96 -25.71 -15.30 -2.22
N VAL A 97 -24.74 -15.08 -3.10
CA VAL A 97 -23.85 -16.15 -3.54
C VAL A 97 -22.41 -15.64 -3.39
N VAL A 98 -21.55 -16.48 -2.82
CA VAL A 98 -20.15 -16.12 -2.62
C VAL A 98 -19.32 -16.63 -3.78
N VAL A 99 -18.62 -15.74 -4.49
CA VAL A 99 -17.79 -16.15 -5.62
C VAL A 99 -16.32 -15.88 -5.25
N PRO A 100 -15.55 -16.96 -5.00
CA PRO A 100 -14.14 -16.85 -4.63
C PRO A 100 -13.19 -16.53 -5.77
N LYS A 101 -12.02 -16.02 -5.38
CA LYS A 101 -10.96 -15.69 -6.32
C LYS A 101 -11.35 -14.87 -7.55
N LEU A 102 -12.16 -13.83 -7.37
CA LEU A 102 -12.53 -12.97 -8.49
C LEU A 102 -11.28 -12.14 -8.78
N GLU A 103 -11.04 -11.83 -10.05
CA GLU A 103 -9.82 -11.08 -10.40
C GLU A 103 -9.96 -9.89 -11.33
N MET A 104 -11.15 -9.68 -11.89
CA MET A 104 -11.39 -8.53 -12.76
C MET A 104 -12.85 -8.15 -12.68
N GLY A 105 -13.16 -6.92 -13.06
CA GLY A 105 -14.54 -6.48 -13.03
C GLY A 105 -15.35 -7.26 -14.05
N ALA A 106 -14.70 -7.65 -15.14
CA ALA A 106 -15.39 -8.40 -16.19
C ALA A 106 -15.83 -9.77 -15.68
N GLU A 107 -15.04 -10.37 -14.79
CA GLU A 107 -15.42 -11.67 -14.24
C GLU A 107 -16.68 -11.53 -13.37
N ALA A 108 -16.77 -10.46 -12.60
CA ALA A 108 -17.96 -10.26 -11.74
C ALA A 108 -19.19 -9.97 -12.60
N ARG A 109 -18.99 -9.27 -13.71
CA ARG A 109 -20.10 -8.98 -14.60
C ARG A 109 -20.57 -10.25 -15.28
N GLN A 110 -19.62 -11.13 -15.62
CA GLN A 110 -19.97 -12.41 -16.23
C GLN A 110 -20.82 -13.18 -15.25
N VAL A 111 -20.39 -13.20 -14.00
CA VAL A 111 -21.10 -13.91 -12.94
C VAL A 111 -22.51 -13.36 -12.80
N ALA A 112 -22.62 -12.03 -12.75
CA ALA A 112 -23.93 -11.40 -12.61
C ALA A 112 -24.85 -11.77 -13.77
N GLN A 113 -24.32 -11.75 -14.98
CA GLN A 113 -25.14 -12.09 -16.15
C GLN A 113 -25.57 -13.54 -16.14
N MET A 114 -24.64 -14.45 -15.82
CA MET A 114 -24.97 -15.85 -15.77
C MET A 114 -26.07 -16.12 -14.75
N LEU A 115 -25.99 -15.45 -13.61
CA LEU A 115 -26.99 -15.62 -12.55
C LEU A 115 -28.36 -15.18 -13.05
N GLN A 116 -28.37 -14.05 -13.76
CA GLN A 116 -29.59 -13.50 -14.31
C GLN A 116 -30.20 -14.46 -15.32
N GLU A 117 -29.37 -15.06 -16.15
CA GLU A 117 -29.86 -15.99 -17.17
C GLU A 117 -30.34 -17.33 -16.61
N ARG A 118 -30.02 -17.60 -15.36
CA ARG A 118 -30.47 -18.83 -14.71
C ARG A 118 -31.67 -18.43 -13.83
N SER A 119 -32.06 -17.17 -13.96
CA SER A 119 -33.15 -16.60 -13.19
C SER A 119 -32.86 -16.71 -11.69
N LEU A 120 -31.64 -16.34 -11.34
CA LEU A 120 -31.18 -16.38 -9.95
C LEU A 120 -30.56 -15.06 -9.54
N PRO A 121 -31.36 -14.00 -9.47
CA PRO A 121 -30.82 -12.69 -9.06
C PRO A 121 -30.37 -12.71 -7.61
N LEU A 122 -29.08 -12.93 -7.41
CA LEU A 122 -28.53 -12.97 -6.07
C LEU A 122 -27.34 -12.02 -5.98
N PRO A 123 -27.32 -11.16 -4.94
CA PRO A 123 -26.19 -10.23 -4.80
C PRO A 123 -24.92 -11.08 -4.69
N ILE A 124 -23.79 -10.52 -5.08
CA ILE A 124 -22.54 -11.26 -5.02
C ILE A 124 -21.65 -10.85 -3.85
N LEU A 125 -21.12 -11.83 -3.14
CA LEU A 125 -20.20 -11.58 -2.03
C LEU A 125 -18.88 -11.98 -2.68
N ALA A 126 -18.13 -10.98 -3.13
CA ALA A 126 -16.87 -11.19 -3.82
C ALA A 126 -15.67 -11.62 -2.98
N GLY A 127 -14.97 -12.64 -3.47
CA GLY A 127 -13.79 -13.08 -2.78
C GLY A 127 -12.55 -12.47 -3.42
N LEU A 128 -11.84 -11.62 -2.69
CA LEU A 128 -10.61 -11.00 -3.20
C LEU A 128 -9.50 -11.67 -2.41
N GLU A 129 -8.88 -12.68 -3.03
CA GLU A 129 -7.88 -13.45 -2.33
C GLU A 129 -6.73 -13.97 -3.19
N THR A 130 -6.35 -13.18 -4.17
CA THR A 130 -5.23 -13.50 -5.04
C THR A 130 -4.62 -12.16 -5.40
N GLY A 131 -3.42 -12.17 -5.98
CA GLY A 131 -2.78 -10.92 -6.36
C GLY A 131 -3.67 -10.05 -7.25
N ALA A 132 -4.24 -10.64 -8.30
CA ALA A 132 -5.09 -9.88 -9.22
C ALA A 132 -6.35 -9.36 -8.53
N GLY A 133 -6.92 -10.17 -7.63
CA GLY A 133 -8.13 -9.73 -6.94
C GLY A 133 -7.87 -8.45 -6.15
N VAL A 134 -6.72 -8.39 -5.48
CA VAL A 134 -6.36 -7.21 -4.68
C VAL A 134 -6.00 -6.03 -5.59
N TRP A 135 -5.21 -6.31 -6.62
CA TRP A 135 -4.80 -5.28 -7.56
C TRP A 135 -6.02 -4.61 -8.20
N ASN A 136 -6.99 -5.41 -8.61
CA ASN A 136 -8.19 -4.89 -9.25
C ASN A 136 -9.37 -4.82 -8.30
N ALA A 137 -9.08 -4.69 -7.01
CA ALA A 137 -10.13 -4.63 -5.98
C ALA A 137 -11.25 -3.62 -6.27
N ARG A 138 -10.89 -2.39 -6.64
CA ARG A 138 -11.92 -1.39 -6.89
C ARG A 138 -12.80 -1.72 -8.10
N GLU A 139 -12.18 -2.12 -9.20
CA GLU A 139 -12.92 -2.47 -10.42
C GLU A 139 -13.88 -3.65 -10.19
N ILE A 140 -13.49 -4.59 -9.34
CA ILE A 140 -14.33 -5.74 -9.03
C ILE A 140 -15.51 -5.28 -8.19
N MET A 141 -15.24 -4.48 -7.15
CA MET A 141 -16.30 -4.02 -6.28
C MET A 141 -17.25 -2.97 -6.85
N GLU A 142 -16.88 -2.31 -7.95
CA GLU A 142 -17.75 -1.32 -8.55
C GLU A 142 -18.86 -1.98 -9.40
N VAL A 143 -18.75 -3.28 -9.65
CA VAL A 143 -19.80 -3.97 -10.40
C VAL A 143 -21.03 -3.86 -9.49
N PRO A 144 -22.17 -3.41 -10.04
CA PRO A 144 -23.42 -3.24 -9.29
C PRO A 144 -23.88 -4.39 -8.40
N GLU A 145 -23.82 -5.61 -8.94
CA GLU A 145 -24.27 -6.78 -8.21
C GLU A 145 -23.42 -7.18 -7.00
N VAL A 146 -22.22 -6.60 -6.88
CA VAL A 146 -21.37 -6.92 -5.74
C VAL A 146 -21.78 -6.07 -4.54
N ALA A 147 -22.25 -6.73 -3.49
CA ALA A 147 -22.71 -6.05 -2.30
C ALA A 147 -21.71 -6.10 -1.15
N TRP A 148 -20.95 -7.20 -1.04
CA TRP A 148 -19.95 -7.35 0.02
C TRP A 148 -18.70 -8.02 -0.57
N ALA A 149 -17.59 -7.96 0.15
CA ALA A 149 -16.37 -8.60 -0.30
C ALA A 149 -15.48 -8.95 0.89
N TYR A 150 -14.75 -10.06 0.79
CA TYR A 150 -13.84 -10.43 1.87
C TYR A 150 -12.43 -10.49 1.32
N PHE A 151 -11.44 -10.24 2.19
CA PHE A 151 -10.05 -10.35 1.80
C PHE A 151 -9.61 -11.69 2.32
N GLY A 152 -9.14 -12.55 1.43
CA GLY A 152 -8.68 -13.87 1.83
C GLY A 152 -7.17 -13.90 1.91
N ALA A 153 -6.64 -13.66 3.10
CA ALA A 153 -5.21 -13.63 3.32
C ALA A 153 -4.52 -14.95 2.99
N GLU A 154 -5.16 -16.05 3.35
CA GLU A 154 -4.59 -17.38 3.12
C GLU A 154 -4.29 -17.63 1.65
N ASP A 155 -5.29 -17.49 0.79
CA ASP A 155 -5.07 -17.70 -0.63
C ASP A 155 -4.20 -16.60 -1.25
N TYR A 156 -4.23 -15.41 -0.67
CA TYR A 156 -3.43 -14.30 -1.18
C TYR A 156 -1.95 -14.63 -1.06
N THR A 157 -1.51 -15.01 0.13
CA THR A 157 -0.12 -15.35 0.36
C THR A 157 0.31 -16.57 -0.45
N THR A 158 -0.60 -17.54 -0.60
CA THR A 158 -0.27 -18.73 -1.38
C THR A 158 -0.05 -18.30 -2.83
N ASP A 159 -0.89 -17.40 -3.29
CA ASP A 159 -0.78 -16.92 -4.66
C ASP A 159 0.53 -16.18 -4.91
N LEU A 160 0.98 -15.39 -3.94
CA LEU A 160 2.23 -14.64 -4.10
C LEU A 160 3.48 -15.42 -3.69
N GLY A 161 3.29 -16.64 -3.21
CA GLY A 161 4.44 -17.44 -2.78
C GLY A 161 4.94 -16.97 -1.43
N GLY A 162 4.05 -16.32 -0.70
CA GLY A 162 4.39 -15.80 0.61
C GLY A 162 4.13 -16.79 1.74
N LYS A 163 4.12 -16.27 2.96
CA LYS A 163 3.89 -17.10 4.14
C LYS A 163 3.18 -16.22 5.18
N ARG A 164 2.20 -16.80 5.86
CA ARG A 164 1.44 -16.05 6.87
C ARG A 164 2.09 -15.99 8.25
N THR A 165 1.92 -14.86 8.92
CA THR A 165 2.45 -14.66 10.28
C THR A 165 1.31 -14.17 11.16
N PRO A 166 1.46 -14.28 12.49
CA PRO A 166 0.40 -13.82 13.40
C PRO A 166 0.13 -12.31 13.25
N GLY A 167 1.20 -11.52 13.16
CA GLY A 167 1.05 -10.09 13.02
C GLY A 167 0.38 -9.70 11.72
N GLY A 168 0.65 -10.44 10.65
CA GLY A 168 0.04 -10.16 9.37
C GLY A 168 0.63 -8.98 8.62
N LEU A 169 1.83 -8.56 8.98
CA LEU A 169 2.44 -7.44 8.28
C LEU A 169 2.62 -7.76 6.80
N GLU A 170 2.72 -9.06 6.48
CA GLU A 170 2.89 -9.47 5.09
C GLU A 170 1.63 -9.28 4.24
N VAL A 171 0.49 -9.03 4.87
CA VAL A 171 -0.73 -8.79 4.10
C VAL A 171 -1.34 -7.45 4.46
N LEU A 172 -0.63 -6.63 5.24
CA LEU A 172 -1.15 -5.33 5.63
C LEU A 172 -1.45 -4.42 4.43
N TYR A 173 -0.56 -4.42 3.45
CA TYR A 173 -0.75 -3.61 2.26
C TYR A 173 -2.07 -4.01 1.58
N ALA A 174 -2.21 -5.31 1.33
CA ALA A 174 -3.41 -5.85 0.69
C ALA A 174 -4.68 -5.62 1.53
N ARG A 175 -4.62 -5.95 2.81
CA ARG A 175 -5.78 -5.76 3.67
C ARG A 175 -6.22 -4.30 3.70
N SER A 176 -5.26 -3.37 3.63
CA SER A 176 -5.60 -1.94 3.67
C SER A 176 -6.22 -1.47 2.36
N GLN A 177 -5.71 -2.00 1.25
CA GLN A 177 -6.20 -1.63 -0.07
C GLN A 177 -7.64 -2.09 -0.27
N VAL A 178 -7.93 -3.31 0.14
CA VAL A 178 -9.29 -3.84 0.03
C VAL A 178 -10.27 -3.01 0.85
N ALA A 179 -9.89 -2.66 2.08
CA ALA A 179 -10.78 -1.87 2.94
C ALA A 179 -11.06 -0.51 2.32
N LEU A 180 -10.05 0.09 1.70
CA LEU A 180 -10.21 1.40 1.07
C LEU A 180 -11.06 1.31 -0.19
N ALA A 181 -10.81 0.31 -1.03
CA ALA A 181 -11.59 0.15 -2.26
C ALA A 181 -13.04 -0.17 -1.90
N ALA A 182 -13.25 -0.87 -0.78
CA ALA A 182 -14.60 -1.20 -0.34
C ALA A 182 -15.35 0.08 0.06
N ARG A 183 -14.66 1.00 0.72
CA ARG A 183 -15.26 2.27 1.12
C ARG A 183 -15.63 3.11 -0.11
N LEU A 184 -14.72 3.16 -1.07
CA LEU A 184 -14.94 3.94 -2.28
C LEU A 184 -16.08 3.44 -3.16
N THR A 185 -16.40 2.15 -3.06
CA THR A 185 -17.47 1.58 -3.89
C THR A 185 -18.76 1.31 -3.10
N GLY A 186 -18.77 1.66 -1.82
CA GLY A 186 -19.95 1.43 -1.00
C GLY A 186 -20.19 -0.04 -0.68
N VAL A 187 -19.16 -0.86 -0.85
CA VAL A 187 -19.25 -2.30 -0.56
C VAL A 187 -18.79 -2.60 0.87
N ALA A 188 -19.45 -3.55 1.52
CA ALA A 188 -19.08 -3.91 2.89
C ALA A 188 -17.86 -4.84 2.85
N ALA A 189 -16.84 -4.53 3.63
CA ALA A 189 -15.63 -5.34 3.65
C ALA A 189 -15.61 -6.30 4.83
N LEU A 190 -15.32 -7.57 4.55
CA LEU A 190 -15.26 -8.61 5.55
C LEU A 190 -13.81 -9.03 5.77
N ASP A 191 -13.37 -8.99 7.03
CA ASP A 191 -11.99 -9.31 7.41
C ASP A 191 -11.59 -10.78 7.34
N ILE A 192 -10.29 -10.99 7.28
CA ILE A 192 -9.65 -12.29 7.17
C ILE A 192 -10.00 -13.33 8.22
N VAL A 193 -9.88 -14.59 7.84
CA VAL A 193 -10.13 -15.69 8.74
C VAL A 193 -8.95 -15.84 9.69
N VAL A 194 -9.21 -16.47 10.83
CA VAL A 194 -8.21 -16.74 11.86
C VAL A 194 -8.22 -18.26 12.00
N THR A 195 -7.13 -18.91 11.60
CA THR A 195 -7.01 -20.36 11.66
C THR A 195 -6.68 -20.91 13.04
N ALA A 196 -6.17 -20.06 13.92
CA ALA A 196 -5.82 -20.49 15.28
C ALA A 196 -7.10 -20.63 16.10
N LEU A 197 -7.59 -21.86 16.23
CA LEU A 197 -8.83 -22.13 16.95
C LEU A 197 -8.73 -22.40 18.45
N ASN A 198 -7.52 -22.38 19.00
CA ASN A 198 -7.38 -22.67 20.42
C ASN A 198 -7.19 -21.46 21.35
N ASP A 199 -7.09 -20.26 20.78
CA ASP A 199 -6.88 -19.07 21.60
C ASP A 199 -7.71 -17.85 21.19
N PRO A 200 -8.66 -17.46 22.03
CA PRO A 200 -9.51 -16.30 21.75
C PRO A 200 -8.66 -15.05 21.64
N GLU A 201 -7.57 -15.02 22.39
CA GLU A 201 -6.67 -13.87 22.39
C GLU A 201 -6.08 -13.59 21.01
N THR A 202 -5.69 -14.64 20.30
CA THR A 202 -5.12 -14.49 18.97
C THR A 202 -6.19 -13.88 18.07
N PHE A 203 -7.42 -14.35 18.23
CA PHE A 203 -8.54 -13.86 17.44
C PHE A 203 -8.87 -12.41 17.78
N ARG A 204 -8.92 -12.10 19.07
CA ARG A 204 -9.22 -10.74 19.50
C ARG A 204 -8.25 -9.71 18.92
N ALA A 205 -6.96 -10.04 18.95
CA ALA A 205 -5.95 -9.13 18.42
C ALA A 205 -6.11 -8.94 16.92
N ASP A 206 -6.48 -10.01 16.23
CA ASP A 206 -6.66 -9.98 14.79
C ASP A 206 -7.89 -9.15 14.42
N ALA A 207 -9.01 -9.43 15.07
CA ALA A 207 -10.25 -8.70 14.83
C ALA A 207 -10.05 -7.21 15.07
N GLU A 208 -9.24 -6.88 16.08
CA GLU A 208 -8.98 -5.49 16.39
C GLU A 208 -8.24 -4.79 15.25
N GLN A 209 -7.28 -5.48 14.67
CA GLN A 209 -6.53 -4.90 13.54
C GLN A 209 -7.49 -4.66 12.38
N GLY A 210 -8.35 -5.64 12.12
CA GLY A 210 -9.31 -5.54 11.04
C GLY A 210 -10.31 -4.42 11.24
N ARG A 211 -10.77 -4.26 12.47
CA ARG A 211 -11.72 -3.20 12.80
C ARG A 211 -11.07 -1.84 12.60
N ALA A 212 -9.84 -1.70 13.08
CA ALA A 212 -9.11 -0.45 12.95
C ALA A 212 -8.93 -0.06 11.48
N LEU A 213 -8.81 -1.05 10.61
CA LEU A 213 -8.63 -0.82 9.17
C LEU A 213 -9.91 -0.45 8.42
N GLY A 214 -11.07 -0.61 9.06
CA GLY A 214 -12.32 -0.25 8.40
C GLY A 214 -13.19 -1.41 7.94
N TYR A 215 -12.83 -2.65 8.28
CA TYR A 215 -13.67 -3.78 7.89
C TYR A 215 -14.89 -3.72 8.78
N SER A 216 -16.05 -4.08 8.24
CA SER A 216 -17.30 -4.02 8.99
C SER A 216 -17.73 -5.37 9.56
N GLY A 217 -17.04 -6.43 9.15
CA GLY A 217 -17.34 -7.76 9.61
C GLY A 217 -16.14 -8.66 9.44
N LYS A 218 -16.23 -9.89 9.93
CA LYS A 218 -15.10 -10.82 9.84
C LYS A 218 -15.56 -12.25 9.57
N LEU A 219 -14.84 -12.95 8.70
CA LEU A 219 -15.15 -14.33 8.37
C LEU A 219 -14.82 -15.20 9.59
N CYS A 220 -15.70 -16.16 9.88
CA CYS A 220 -15.51 -17.06 11.00
C CYS A 220 -15.55 -18.50 10.54
N ILE A 221 -14.68 -19.34 11.09
CA ILE A 221 -14.65 -20.74 10.70
C ILE A 221 -14.99 -21.67 11.86
N HIS A 222 -15.29 -21.08 13.02
CA HIS A 222 -15.68 -21.85 14.21
C HIS A 222 -16.69 -21.01 14.97
N PRO A 223 -17.78 -21.64 15.46
CA PRO A 223 -18.83 -20.95 16.21
C PRO A 223 -18.37 -19.98 17.28
N ALA A 224 -17.36 -20.38 18.04
CA ALA A 224 -16.86 -19.52 19.12
C ALA A 224 -16.33 -18.17 18.64
N GLN A 225 -15.87 -18.12 17.39
CA GLN A 225 -15.35 -16.86 16.85
C GLN A 225 -16.46 -15.84 16.61
N VAL A 226 -17.70 -16.32 16.49
CA VAL A 226 -18.84 -15.42 16.24
C VAL A 226 -19.01 -14.37 17.33
N ALA A 227 -19.08 -14.81 18.59
CA ALA A 227 -19.25 -13.88 19.71
C ALA A 227 -18.04 -12.94 19.80
N LEU A 228 -16.86 -13.46 19.50
CA LEU A 228 -15.66 -12.63 19.55
C LEU A 228 -15.78 -11.53 18.50
N ALA A 229 -16.20 -11.90 17.29
CA ALA A 229 -16.37 -10.93 16.22
C ALA A 229 -17.32 -9.80 16.61
N HIS A 230 -18.41 -10.14 17.31
CA HIS A 230 -19.39 -9.14 17.71
C HIS A 230 -18.89 -8.19 18.80
N GLU A 231 -17.75 -8.52 19.40
CA GLU A 231 -17.17 -7.65 20.40
C GLU A 231 -16.38 -6.55 19.71
N TYR A 232 -16.15 -6.71 18.41
CA TYR A 232 -15.37 -5.73 17.66
C TYR A 232 -16.05 -5.03 16.48
N PHE A 233 -17.01 -5.70 15.84
CA PHE A 233 -17.69 -5.13 14.69
C PHE A 233 -19.17 -4.87 15.00
N GLY A 234 -19.75 -3.88 14.33
CA GLY A 234 -21.16 -3.56 14.54
C GLY A 234 -21.40 -2.27 15.29
N PRO B 4 6.04 31.94 1.39
CA PRO B 4 6.18 30.67 2.14
C PRO B 4 7.21 29.78 1.47
N PRO B 5 8.08 29.13 2.27
CA PRO B 5 9.09 28.25 1.67
C PRO B 5 8.42 26.98 1.15
N ALA B 6 9.10 26.29 0.23
CA ALA B 6 8.56 25.05 -0.31
C ALA B 6 8.59 24.02 0.82
N LEU B 7 9.42 24.29 1.83
CA LEU B 7 9.59 23.39 2.97
C LEU B 7 9.07 23.96 4.30
N LEU B 8 8.11 23.28 4.88
CA LEU B 8 7.53 23.66 6.17
C LEU B 8 7.74 22.48 7.09
N ARG B 9 8.57 22.67 8.12
CA ARG B 9 8.86 21.59 9.06
C ARG B 9 7.73 21.44 10.07
N SER B 10 7.11 22.57 10.41
CA SER B 10 6.03 22.60 11.38
C SER B 10 4.92 23.53 10.92
N VAL B 11 3.69 23.11 11.12
CA VAL B 11 2.51 23.90 10.74
C VAL B 11 1.61 23.84 11.98
N LEU B 12 1.52 24.97 12.68
CA LEU B 12 0.73 25.08 13.91
C LEU B 12 -0.68 25.67 13.70
N PHE B 13 -1.68 25.01 14.29
CA PHE B 13 -3.07 25.44 14.19
C PHE B 13 -3.61 26.21 15.40
N ALA B 14 -4.59 27.08 15.12
CA ALA B 14 -5.28 27.85 16.15
C ALA B 14 -6.72 28.00 15.66
N PRO B 15 -7.70 27.99 16.59
CA PRO B 15 -9.11 28.13 16.20
C PRO B 15 -9.39 29.47 15.55
N GLY B 16 -10.13 29.46 14.44
CA GLY B 16 -10.45 30.69 13.74
C GLY B 16 -11.35 31.66 14.48
N ASN B 17 -11.98 31.20 15.55
CA ASN B 17 -12.89 32.04 16.34
C ASN B 17 -12.30 32.48 17.68
N ARG B 18 -10.97 32.39 17.81
CA ARG B 18 -10.30 32.79 19.05
C ARG B 18 -9.18 33.78 18.74
N ALA B 19 -9.52 35.07 18.76
CA ALA B 19 -8.56 36.12 18.47
C ALA B 19 -7.34 36.07 19.40
N ASP B 20 -7.55 35.62 20.63
CA ASP B 20 -6.48 35.55 21.61
C ASP B 20 -5.48 34.42 21.34
N LEU B 21 -5.98 33.25 21.00
CA LEU B 21 -5.10 32.11 20.70
C LEU B 21 -4.34 32.39 19.41
N ILE B 22 -5.04 32.98 18.45
CA ILE B 22 -4.43 33.32 17.16
C ILE B 22 -3.24 34.25 17.35
N ALA B 23 -3.36 35.18 18.29
CA ALA B 23 -2.29 36.14 18.55
C ALA B 23 -1.04 35.46 19.09
N LYS B 24 -1.21 34.35 19.80
CA LYS B 24 -0.10 33.61 20.38
C LYS B 24 0.66 32.75 19.37
N LEU B 25 0.05 32.54 18.21
CA LEU B 25 0.62 31.70 17.16
C LEU B 25 2.12 31.84 16.86
N PRO B 26 2.64 33.09 16.78
CA PRO B 26 4.05 33.32 16.49
C PRO B 26 5.08 32.99 17.56
N ARG B 27 4.62 32.82 18.80
CA ARG B 27 5.53 32.56 19.91
C ARG B 27 6.55 31.43 19.79
N SER B 28 6.13 30.28 19.27
CA SER B 28 7.02 29.13 19.12
C SER B 28 7.79 29.14 17.80
N ALA B 29 7.61 30.19 17.01
CA ALA B 29 8.27 30.34 15.72
C ALA B 29 8.10 29.14 14.79
N PRO B 30 6.86 28.73 14.51
CA PRO B 30 6.65 27.58 13.61
C PRO B 30 6.94 28.04 12.17
N ASP B 31 7.20 27.11 11.26
CA ASP B 31 7.48 27.52 9.89
C ASP B 31 6.23 28.10 9.25
N ALA B 32 5.06 27.72 9.75
CA ALA B 32 3.81 28.24 9.23
C ALA B 32 2.71 28.09 10.25
N VAL B 33 1.68 28.94 10.16
CA VAL B 33 0.55 28.87 11.07
C VAL B 33 -0.75 28.78 10.28
N VAL B 34 -1.75 28.14 10.89
CA VAL B 34 -3.04 27.97 10.25
C VAL B 34 -4.19 28.40 11.16
N ILE B 35 -4.94 29.40 10.71
CA ILE B 35 -6.10 29.91 11.43
C ILE B 35 -7.23 29.06 10.87
N ASP B 36 -7.77 28.20 11.72
CA ASP B 36 -8.77 27.23 11.31
C ASP B 36 -10.26 27.54 11.44
N LEU B 37 -10.93 27.64 10.29
CA LEU B 37 -12.36 27.90 10.22
C LEU B 37 -13.14 26.60 10.15
N GLU B 38 -12.45 25.49 9.92
CA GLU B 38 -13.10 24.19 9.80
C GLU B 38 -13.30 23.43 11.11
N ASP B 39 -12.53 22.36 11.32
CA ASP B 39 -12.67 21.54 12.52
C ASP B 39 -12.66 22.31 13.83
N ALA B 40 -11.85 23.36 13.91
CA ALA B 40 -11.74 24.16 15.13
C ALA B 40 -12.99 24.94 15.52
N VAL B 41 -13.86 25.22 14.56
CA VAL B 41 -15.09 25.96 14.80
C VAL B 41 -16.32 25.04 14.64
N PRO B 42 -17.24 25.05 15.61
CA PRO B 42 -18.45 24.21 15.56
C PRO B 42 -19.16 24.29 14.21
N GLY B 43 -19.89 23.22 13.88
CA GLY B 43 -20.59 23.16 12.61
C GLY B 43 -22.01 23.73 12.52
N THR B 44 -22.14 25.04 12.73
CA THR B 44 -23.44 25.71 12.63
C THR B 44 -23.20 26.97 11.80
N ALA B 45 -24.24 27.43 11.12
CA ALA B 45 -24.11 28.63 10.31
C ALA B 45 -23.75 29.83 11.19
N GLU B 46 -24.23 29.81 12.43
CA GLU B 46 -23.97 30.90 13.37
C GLU B 46 -22.51 30.94 13.79
N ALA B 47 -21.99 29.80 14.23
CA ALA B 47 -20.60 29.70 14.68
C ALA B 47 -19.60 30.03 13.58
N LYS B 48 -19.89 29.61 12.35
CA LYS B 48 -18.97 29.87 11.24
C LYS B 48 -18.98 31.35 10.83
N ALA B 49 -20.16 31.96 10.81
CA ALA B 49 -20.28 33.37 10.44
C ALA B 49 -19.62 34.26 11.51
N ALA B 50 -19.76 33.85 12.75
CA ALA B 50 -19.17 34.60 13.87
C ALA B 50 -17.65 34.50 13.83
N ALA B 51 -17.14 33.39 13.30
CA ALA B 51 -15.70 33.17 13.25
C ALA B 51 -14.99 33.94 12.14
N ARG B 52 -15.64 34.08 11.00
CA ARG B 52 -15.03 34.75 9.85
C ARG B 52 -14.40 36.11 10.07
N PRO B 53 -15.12 37.07 10.69
CA PRO B 53 -14.49 38.38 10.88
C PRO B 53 -13.29 38.32 11.83
N VAL B 54 -13.36 37.43 12.81
CA VAL B 54 -12.26 37.28 13.75
C VAL B 54 -11.02 36.73 13.02
N ALA B 55 -11.20 35.65 12.25
CA ALA B 55 -10.09 35.05 11.51
C ALA B 55 -9.52 36.06 10.51
N HIS B 56 -10.40 36.79 9.83
CA HIS B 56 -9.98 37.78 8.86
C HIS B 56 -9.10 38.88 9.45
N ASP B 57 -9.56 39.49 10.54
CA ASP B 57 -8.82 40.57 11.18
C ASP B 57 -7.60 40.08 11.97
N ALA B 58 -7.73 38.91 12.60
CA ALA B 58 -6.63 38.36 13.38
C ALA B 58 -5.47 38.00 12.45
N ALA B 59 -5.79 37.47 11.29
CA ALA B 59 -4.78 37.10 10.29
C ALA B 59 -4.03 38.36 9.87
N ARG B 60 -4.80 39.43 9.64
CA ARG B 60 -4.25 40.71 9.23
C ARG B 60 -3.33 41.29 10.31
N ASP B 61 -3.76 41.19 11.57
CA ASP B 61 -2.95 41.72 12.67
C ASP B 61 -1.70 40.87 12.86
N LEU B 62 -1.81 39.58 12.55
CA LEU B 62 -0.70 38.66 12.68
C LEU B 62 0.39 38.94 11.65
N ILE B 63 -0.02 39.16 10.40
CA ILE B 63 0.91 39.45 9.31
C ILE B 63 1.66 40.76 9.54
N ALA B 64 0.99 41.73 10.14
CA ALA B 64 1.62 43.02 10.41
C ALA B 64 2.60 42.93 11.57
N ALA B 65 2.34 42.01 12.49
CA ALA B 65 3.21 41.83 13.65
C ALA B 65 4.41 40.93 13.35
N ALA B 66 4.18 39.86 12.58
CA ALA B 66 5.23 38.91 12.22
C ALA B 66 5.29 38.83 10.70
N PRO B 67 5.90 39.84 10.06
CA PRO B 67 6.05 39.98 8.61
C PRO B 67 6.67 38.81 7.86
N HIS B 68 7.50 38.01 8.53
CA HIS B 68 8.16 36.88 7.88
C HIS B 68 7.52 35.52 8.17
N LEU B 69 6.41 35.54 8.90
CA LEU B 69 5.72 34.30 9.25
C LEU B 69 4.77 33.87 8.13
N ALA B 70 4.78 32.59 7.78
CA ALA B 70 3.89 32.10 6.73
C ALA B 70 2.51 31.89 7.37
N VAL B 71 1.56 32.76 7.02
CA VAL B 71 0.22 32.67 7.57
C VAL B 71 -0.81 32.11 6.59
N PHE B 72 -1.47 31.05 7.02
CA PHE B 72 -2.49 30.38 6.23
C PHE B 72 -3.83 30.42 6.96
N VAL B 73 -4.90 30.24 6.20
CA VAL B 73 -6.24 30.14 6.75
C VAL B 73 -6.76 28.81 6.20
N ARG B 74 -7.42 28.02 7.04
CA ARG B 74 -7.99 26.78 6.54
C ARG B 74 -9.49 27.00 6.41
N VAL B 75 -9.99 26.93 5.18
CA VAL B 75 -11.41 27.11 4.94
C VAL B 75 -12.08 25.75 5.12
N ASN B 76 -13.41 25.74 5.10
CA ASN B 76 -14.16 24.50 5.24
C ASN B 76 -14.05 23.70 3.93
N ALA B 77 -14.57 22.47 3.92
CA ALA B 77 -14.48 21.64 2.72
C ALA B 77 -15.20 22.26 1.51
N LEU B 78 -14.65 22.02 0.31
CA LEU B 78 -15.20 22.57 -0.91
C LEU B 78 -16.71 22.42 -1.07
N HIS B 79 -17.25 21.24 -0.79
CA HIS B 79 -18.68 20.99 -0.95
C HIS B 79 -19.52 21.25 0.29
N SER B 80 -18.94 21.91 1.30
CA SER B 80 -19.69 22.21 2.51
C SER B 80 -20.46 23.48 2.24
N PRO B 81 -21.48 23.78 3.05
CA PRO B 81 -22.26 25.00 2.81
C PRO B 81 -21.52 26.28 3.24
N TYR B 82 -20.33 26.13 3.80
CA TYR B 82 -19.58 27.29 4.27
C TYR B 82 -18.45 27.75 3.37
N PHE B 83 -18.04 26.90 2.43
CA PHE B 83 -16.92 27.21 1.54
C PHE B 83 -16.92 28.60 0.92
N GLU B 84 -17.99 28.92 0.19
CA GLU B 84 -18.07 30.20 -0.49
C GLU B 84 -17.84 31.40 0.41
N ASP B 85 -18.58 31.47 1.50
CA ASP B 85 -18.43 32.60 2.42
C ASP B 85 -17.04 32.63 3.05
N ASP B 86 -16.45 31.46 3.28
CA ASP B 86 -15.13 31.38 3.88
C ASP B 86 -14.09 32.10 3.02
N LEU B 87 -14.31 32.10 1.70
CA LEU B 87 -13.38 32.76 0.78
C LEU B 87 -13.19 34.24 1.08
N SER B 88 -14.22 34.90 1.61
CA SER B 88 -14.14 36.33 1.90
C SER B 88 -13.12 36.63 3.00
N VAL B 89 -12.77 35.61 3.77
CA VAL B 89 -11.81 35.74 4.85
C VAL B 89 -10.38 35.85 4.30
N LEU B 90 -10.18 35.30 3.10
CA LEU B 90 -8.85 35.30 2.47
C LEU B 90 -8.44 36.64 1.90
N THR B 91 -7.13 36.91 1.92
CA THR B 91 -6.58 38.14 1.38
C THR B 91 -5.29 37.78 0.65
N PRO B 92 -4.84 38.64 -0.28
CA PRO B 92 -3.62 38.39 -1.05
C PRO B 92 -2.38 38.24 -0.19
N GLU B 93 -2.41 38.81 1.00
CA GLU B 93 -1.28 38.78 1.93
C GLU B 93 -1.01 37.44 2.60
N LEU B 94 -1.98 36.53 2.55
CA LEU B 94 -1.79 35.22 3.15
C LEU B 94 -0.75 34.46 2.34
N SER B 95 -0.04 33.55 2.99
CA SER B 95 0.97 32.75 2.33
C SER B 95 0.29 31.65 1.51
N GLY B 96 -0.98 31.39 1.81
CA GLY B 96 -1.72 30.36 1.09
C GLY B 96 -3.01 30.00 1.82
N VAL B 97 -3.73 29.01 1.32
CA VAL B 97 -4.98 28.56 1.92
C VAL B 97 -5.02 27.03 2.05
N VAL B 98 -5.50 26.53 3.18
CA VAL B 98 -5.60 25.08 3.40
C VAL B 98 -7.02 24.66 3.02
N VAL B 99 -7.12 23.64 2.17
CA VAL B 99 -8.42 23.14 1.77
C VAL B 99 -8.49 21.69 2.23
N PRO B 100 -9.33 21.40 3.23
CA PRO B 100 -9.48 20.06 3.78
C PRO B 100 -10.34 19.12 2.95
N LYS B 101 -10.12 17.83 3.17
CA LYS B 101 -10.89 16.79 2.50
C LYS B 101 -11.00 16.88 0.98
N LEU B 102 -9.90 17.21 0.30
CA LEU B 102 -9.93 17.27 -1.16
C LEU B 102 -9.96 15.82 -1.63
N GLU B 103 -10.77 15.55 -2.64
CA GLU B 103 -10.89 14.17 -3.11
C GLU B 103 -10.65 13.90 -4.58
N MET B 104 -10.51 14.94 -5.38
CA MET B 104 -10.28 14.75 -6.81
C MET B 104 -9.43 15.87 -7.38
N GLY B 105 -8.76 15.60 -8.49
CA GLY B 105 -7.96 16.62 -9.12
C GLY B 105 -8.84 17.79 -9.51
N ALA B 106 -10.04 17.45 -9.99
CA ALA B 106 -11.00 18.47 -10.42
C ALA B 106 -11.43 19.41 -9.29
N GLU B 107 -11.51 18.90 -8.07
CA GLU B 107 -11.90 19.74 -6.93
C GLU B 107 -10.81 20.77 -6.66
N ALA B 108 -9.55 20.34 -6.73
CA ALA B 108 -8.44 21.24 -6.48
C ALA B 108 -8.35 22.30 -7.57
N ARG B 109 -8.68 21.92 -8.80
CA ARG B 109 -8.65 22.87 -9.90
C ARG B 109 -9.78 23.89 -9.72
N GLN B 110 -10.90 23.44 -9.17
CA GLN B 110 -12.03 24.33 -8.92
C GLN B 110 -11.61 25.42 -7.93
N VAL B 111 -10.97 25.00 -6.85
CA VAL B 111 -10.51 25.92 -5.83
C VAL B 111 -9.55 26.94 -6.43
N ALA B 112 -8.57 26.45 -7.18
CA ALA B 112 -7.59 27.34 -7.81
C ALA B 112 -8.27 28.35 -8.72
N GLN B 113 -9.28 27.89 -9.45
CA GLN B 113 -10.03 28.73 -10.37
C GLN B 113 -10.78 29.82 -9.60
N MET B 114 -11.49 29.42 -8.55
CA MET B 114 -12.23 30.37 -7.74
C MET B 114 -11.29 31.34 -7.05
N LEU B 115 -10.08 30.89 -6.73
CA LEU B 115 -9.12 31.76 -6.08
C LEU B 115 -8.63 32.79 -7.11
N GLN B 116 -8.40 32.35 -8.33
CA GLN B 116 -7.95 33.22 -9.41
C GLN B 116 -8.97 34.31 -9.76
N GLU B 117 -10.25 33.95 -9.80
CA GLU B 117 -11.26 34.94 -10.16
C GLU B 117 -11.48 35.97 -9.07
N ARG B 118 -10.94 35.71 -7.86
CA ARG B 118 -11.07 36.64 -6.74
C ARG B 118 -9.77 37.41 -6.51
N SER B 119 -8.80 37.19 -7.40
CA SER B 119 -7.50 37.87 -7.33
C SER B 119 -6.70 37.44 -6.10
N LEU B 120 -6.76 36.16 -5.77
CA LEU B 120 -6.06 35.62 -4.63
C LEU B 120 -4.98 34.65 -5.11
N PRO B 121 -3.74 35.15 -5.25
CA PRO B 121 -2.61 34.31 -5.70
C PRO B 121 -2.15 33.50 -4.50
N LEU B 122 -3.00 32.58 -4.06
CA LEU B 122 -2.71 31.76 -2.91
C LEU B 122 -2.55 30.28 -3.23
N PRO B 123 -1.33 29.75 -3.08
CA PRO B 123 -1.12 28.33 -3.37
C PRO B 123 -1.96 27.51 -2.37
N ILE B 124 -2.27 26.27 -2.74
CA ILE B 124 -3.09 25.41 -1.92
C ILE B 124 -2.32 24.38 -1.10
N LEU B 125 -2.71 24.23 0.16
CA LEU B 125 -2.12 23.23 1.05
C LEU B 125 -3.31 22.28 1.15
N ALA B 126 -3.21 21.18 0.41
CA ALA B 126 -4.29 20.24 0.33
C ALA B 126 -4.40 19.22 1.45
N GLY B 127 -5.62 19.01 1.92
CA GLY B 127 -5.86 18.03 2.95
C GLY B 127 -6.31 16.72 2.34
N LEU B 128 -5.49 15.68 2.48
CA LEU B 128 -5.80 14.35 1.97
C LEU B 128 -6.13 13.57 3.24
N GLU B 129 -7.41 13.46 3.53
CA GLU B 129 -7.82 12.83 4.76
C GLU B 129 -9.15 12.09 4.71
N THR B 130 -9.40 11.45 3.57
CA THR B 130 -10.58 10.62 3.36
C THR B 130 -10.13 9.54 2.37
N GLY B 131 -10.93 8.48 2.24
CA GLY B 131 -10.57 7.42 1.33
C GLY B 131 -10.24 7.94 -0.06
N ALA B 132 -11.13 8.74 -0.64
CA ALA B 132 -10.92 9.28 -1.98
C ALA B 132 -9.68 10.17 -2.07
N GLY B 133 -9.43 10.96 -1.03
CA GLY B 133 -8.27 11.84 -1.04
C GLY B 133 -6.99 11.03 -1.19
N VAL B 134 -6.92 9.91 -0.49
CA VAL B 134 -5.74 9.05 -0.57
C VAL B 134 -5.68 8.30 -1.89
N TRP B 135 -6.83 7.80 -2.34
CA TRP B 135 -6.87 7.06 -3.59
C TRP B 135 -6.38 7.91 -4.75
N ASN B 136 -6.86 9.15 -4.81
CA ASN B 136 -6.47 10.07 -5.87
C ASN B 136 -5.40 11.04 -5.41
N ALA B 137 -4.56 10.63 -4.48
CA ALA B 137 -3.52 11.51 -3.97
C ALA B 137 -2.66 12.15 -5.08
N ARG B 138 -2.14 11.33 -6.00
CA ARG B 138 -1.30 11.87 -7.06
C ARG B 138 -2.01 12.88 -7.96
N GLU B 139 -3.21 12.54 -8.41
CA GLU B 139 -3.98 13.45 -9.27
C GLU B 139 -4.24 14.79 -8.59
N ILE B 140 -4.55 14.75 -7.29
CA ILE B 140 -4.80 15.99 -6.56
C ILE B 140 -3.52 16.82 -6.50
N MET B 141 -2.43 16.18 -6.10
CA MET B 141 -1.15 16.88 -5.98
C MET B 141 -0.50 17.32 -7.31
N GLU B 142 -0.92 16.77 -8.43
CA GLU B 142 -0.34 17.20 -9.70
C GLU B 142 -0.96 18.52 -10.16
N VAL B 143 -2.03 18.94 -9.49
CA VAL B 143 -2.64 20.21 -9.82
C VAL B 143 -1.55 21.22 -9.48
N PRO B 144 -1.24 22.12 -10.43
CA PRO B 144 -0.20 23.16 -10.30
C PRO B 144 -0.19 24.01 -9.02
N GLU B 145 -1.35 24.51 -8.63
CA GLU B 145 -1.45 25.37 -7.46
C GLU B 145 -1.24 24.66 -6.12
N VAL B 146 -1.26 23.33 -6.13
CA VAL B 146 -1.05 22.59 -4.91
C VAL B 146 0.45 22.54 -4.63
N ALA B 147 0.86 23.20 -3.55
CA ALA B 147 2.26 23.26 -3.17
C ALA B 147 2.63 22.32 -2.04
N TRP B 148 1.68 22.06 -1.14
CA TRP B 148 1.93 21.14 -0.01
C TRP B 148 0.66 20.35 0.26
N ALA B 149 0.80 19.20 0.92
CA ALA B 149 -0.37 18.38 1.25
C ALA B 149 -0.14 17.68 2.57
N TYR B 150 -1.20 17.52 3.35
CA TYR B 150 -1.06 16.81 4.61
C TYR B 150 -1.94 15.57 4.59
N PHE B 151 -1.54 14.55 5.35
CA PHE B 151 -2.34 13.35 5.44
C PHE B 151 -3.02 13.45 6.79
N GLY B 152 -4.35 13.39 6.79
CA GLY B 152 -5.11 13.48 8.02
C GLY B 152 -5.60 12.12 8.42
N ALA B 153 -4.85 11.44 9.30
CA ALA B 153 -5.20 10.10 9.73
C ALA B 153 -6.52 10.05 10.50
N GLU B 154 -6.83 11.12 11.24
CA GLU B 154 -8.07 11.15 12.01
C GLU B 154 -9.30 11.05 11.12
N ASP B 155 -9.42 11.95 10.15
CA ASP B 155 -10.57 11.92 9.26
C ASP B 155 -10.52 10.74 8.29
N TYR B 156 -9.32 10.23 8.01
CA TYR B 156 -9.20 9.08 7.11
C TYR B 156 -9.82 7.86 7.79
N THR B 157 -9.45 7.58 9.04
CA THR B 157 -10.02 6.43 9.73
C THR B 157 -11.51 6.60 9.95
N THR B 158 -11.95 7.83 10.18
CA THR B 158 -13.38 8.12 10.38
C THR B 158 -14.12 7.83 9.07
N ASP B 159 -13.54 8.29 7.96
CA ASP B 159 -14.15 8.09 6.67
C ASP B 159 -14.25 6.61 6.31
N LEU B 160 -13.27 5.81 6.73
CA LEU B 160 -13.30 4.38 6.44
C LEU B 160 -14.00 3.57 7.51
N GLY B 161 -14.36 4.22 8.61
CA GLY B 161 -15.03 3.52 9.69
C GLY B 161 -14.08 2.69 10.51
N GLY B 162 -12.81 3.11 10.56
CA GLY B 162 -11.84 2.36 11.33
C GLY B 162 -11.57 3.02 12.67
N LYS B 163 -10.45 2.68 13.28
CA LYS B 163 -10.10 3.26 14.57
C LYS B 163 -8.60 3.52 14.64
N ARG B 164 -8.23 4.62 15.28
CA ARG B 164 -6.82 4.99 15.42
C ARG B 164 -6.11 4.28 16.56
N THR B 165 -4.85 3.91 16.31
CA THR B 165 -4.02 3.25 17.31
C THR B 165 -2.71 4.03 17.44
N PRO B 166 -1.98 3.85 18.56
CA PRO B 166 -0.73 4.57 18.74
C PRO B 166 0.29 4.22 17.63
N GLY B 167 0.41 2.92 17.35
CA GLY B 167 1.33 2.44 16.33
C GLY B 167 0.98 2.92 14.93
N GLY B 168 -0.32 3.10 14.68
CA GLY B 168 -0.76 3.58 13.39
C GLY B 168 -0.65 2.62 12.21
N LEU B 169 -0.64 1.32 12.48
CA LEU B 169 -0.56 0.37 11.37
C LEU B 169 -1.81 0.47 10.50
N GLU B 170 -2.92 0.89 11.11
CA GLU B 170 -4.18 1.00 10.37
C GLU B 170 -4.17 2.13 9.34
N VAL B 171 -3.16 3.00 9.37
CA VAL B 171 -3.08 4.05 8.38
C VAL B 171 -1.72 4.05 7.67
N LEU B 172 -0.91 3.01 7.89
CA LEU B 172 0.41 2.92 7.27
C LEU B 172 0.34 2.94 5.74
N TYR B 173 -0.60 2.17 5.20
CA TYR B 173 -0.78 2.10 3.75
C TYR B 173 -1.02 3.50 3.20
N ALA B 174 -2.02 4.19 3.74
CA ALA B 174 -2.35 5.54 3.27
C ALA B 174 -1.23 6.53 3.49
N ARG B 175 -0.62 6.48 4.68
CA ARG B 175 0.47 7.40 5.00
C ARG B 175 1.64 7.22 4.04
N SER B 176 1.96 5.97 3.70
CA SER B 176 3.07 5.69 2.80
C SER B 176 2.72 6.13 1.39
N GLN B 177 1.46 5.98 1.01
CA GLN B 177 1.05 6.37 -0.33
C GLN B 177 1.07 7.87 -0.54
N VAL B 178 0.59 8.63 0.43
CA VAL B 178 0.59 10.10 0.32
C VAL B 178 2.03 10.60 0.18
N ALA B 179 2.93 10.04 0.99
CA ALA B 179 4.35 10.42 0.95
C ALA B 179 4.99 10.12 -0.41
N LEU B 180 4.65 8.97 -1.00
CA LEU B 180 5.20 8.60 -2.29
C LEU B 180 4.65 9.51 -3.40
N ALA B 181 3.34 9.74 -3.38
CA ALA B 181 2.72 10.60 -4.37
C ALA B 181 3.27 12.03 -4.29
N ALA B 182 3.60 12.47 -3.07
CA ALA B 182 4.14 13.82 -2.88
C ALA B 182 5.53 13.90 -3.53
N ARG B 183 6.31 12.84 -3.39
CA ARG B 183 7.63 12.80 -4.00
C ARG B 183 7.51 12.88 -5.51
N LEU B 184 6.56 12.14 -6.07
CA LEU B 184 6.38 12.11 -7.51
C LEU B 184 5.78 13.36 -8.14
N THR B 185 5.16 14.21 -7.34
CA THR B 185 4.54 15.42 -7.87
C THR B 185 5.28 16.70 -7.46
N GLY B 186 6.35 16.55 -6.68
CA GLY B 186 7.10 17.70 -6.23
C GLY B 186 6.40 18.49 -5.13
N VAL B 187 5.45 17.85 -4.46
CA VAL B 187 4.70 18.50 -3.38
C VAL B 187 5.27 18.11 -2.01
N ALA B 188 5.32 19.06 -1.08
CA ALA B 188 5.83 18.80 0.26
C ALA B 188 4.73 18.12 1.05
N ALA B 189 5.08 17.00 1.68
CA ALA B 189 4.14 16.21 2.46
C ALA B 189 4.26 16.51 3.96
N LEU B 190 3.13 16.79 4.59
CA LEU B 190 3.09 17.10 6.02
C LEU B 190 2.47 15.94 6.80
N ASP B 191 3.19 15.45 7.80
CA ASP B 191 2.75 14.32 8.61
C ASP B 191 1.58 14.59 9.56
N ILE B 192 0.94 13.51 9.96
CA ILE B 192 -0.24 13.51 10.82
C ILE B 192 -0.10 14.19 12.18
N VAL B 193 -1.24 14.63 12.71
CA VAL B 193 -1.28 15.27 14.02
C VAL B 193 -1.15 14.23 15.12
N VAL B 194 -0.67 14.68 16.27
CA VAL B 194 -0.52 13.83 17.44
C VAL B 194 -1.43 14.50 18.47
N THR B 195 -2.52 13.83 18.82
CA THR B 195 -3.50 14.38 19.76
C THR B 195 -3.10 14.35 21.23
N ALA B 196 -2.23 13.41 21.60
CA ALA B 196 -1.76 13.32 22.98
C ALA B 196 -0.84 14.49 23.27
N LEU B 197 -1.17 15.27 24.29
CA LEU B 197 -0.35 16.44 24.61
C LEU B 197 0.44 16.34 25.92
N ASN B 198 0.13 15.32 26.72
CA ASN B 198 0.81 15.15 28.00
C ASN B 198 2.13 14.37 27.92
N ASP B 199 2.59 14.07 26.71
CA ASP B 199 3.82 13.31 26.58
C ASP B 199 4.59 13.54 25.29
N PRO B 200 5.77 14.17 25.40
CA PRO B 200 6.58 14.45 24.22
C PRO B 200 7.15 13.16 23.61
N GLU B 201 7.21 12.09 24.38
CA GLU B 201 7.74 10.84 23.85
C GLU B 201 6.82 10.24 22.80
N THR B 202 5.51 10.38 22.99
CA THR B 202 4.55 9.85 22.04
C THR B 202 4.69 10.65 20.75
N PHE B 203 4.90 11.96 20.87
CA PHE B 203 5.07 12.80 19.69
C PHE B 203 6.38 12.49 18.99
N ARG B 204 7.42 12.25 19.78
CA ARG B 204 8.75 11.94 19.23
C ARG B 204 8.74 10.67 18.38
N ALA B 205 8.16 9.59 18.91
CA ALA B 205 8.07 8.34 18.19
C ALA B 205 7.26 8.50 16.90
N ASP B 206 6.18 9.29 16.97
CA ASP B 206 5.32 9.53 15.82
C ASP B 206 6.02 10.34 14.74
N ALA B 207 6.70 11.41 15.14
CA ALA B 207 7.42 12.24 14.19
C ALA B 207 8.46 11.38 13.47
N GLU B 208 9.08 10.50 14.24
CA GLU B 208 10.11 9.60 13.73
C GLU B 208 9.56 8.73 12.60
N GLN B 209 8.36 8.19 12.81
CA GLN B 209 7.71 7.36 11.81
C GLN B 209 7.46 8.16 10.54
N GLY B 210 6.94 9.37 10.72
CA GLY B 210 6.65 10.26 9.60
C GLY B 210 7.88 10.61 8.80
N ARG B 211 8.97 10.92 9.51
CA ARG B 211 10.22 11.26 8.86
C ARG B 211 10.72 10.08 8.03
N ALA B 212 10.70 8.89 8.63
CA ALA B 212 11.17 7.68 7.96
C ALA B 212 10.45 7.43 6.62
N LEU B 213 9.15 7.74 6.59
CA LEU B 213 8.32 7.57 5.39
C LEU B 213 8.53 8.65 4.35
N GLY B 214 9.30 9.67 4.66
CA GLY B 214 9.53 10.71 3.67
C GLY B 214 8.77 12.01 3.84
N TYR B 215 8.10 12.20 4.98
CA TYR B 215 7.39 13.45 5.19
C TYR B 215 8.45 14.50 5.49
N SER B 216 8.21 15.73 5.07
CA SER B 216 9.17 16.81 5.29
C SER B 216 8.77 17.81 6.37
N GLY B 217 7.59 17.59 6.96
CA GLY B 217 7.08 18.46 8.01
C GLY B 217 5.96 17.74 8.73
N LYS B 218 5.46 18.33 9.81
CA LYS B 218 4.39 17.71 10.59
C LYS B 218 3.42 18.76 11.14
N LEU B 219 2.14 18.45 11.08
CA LEU B 219 1.12 19.36 11.59
C LEU B 219 1.24 19.38 13.12
N CYS B 220 1.07 20.55 13.72
CA CYS B 220 1.16 20.70 15.17
C CYS B 220 -0.11 21.36 15.73
N ILE B 221 -0.58 20.88 16.87
CA ILE B 221 -1.77 21.46 17.47
C ILE B 221 -1.50 22.10 18.82
N HIS B 222 -0.24 22.11 19.22
CA HIS B 222 0.19 22.70 20.50
C HIS B 222 1.61 23.22 20.25
N PRO B 223 1.87 24.49 20.60
CA PRO B 223 3.19 25.12 20.40
C PRO B 223 4.37 24.27 20.85
N ALA B 224 4.19 23.45 21.87
CA ALA B 224 5.27 22.62 22.36
C ALA B 224 5.70 21.57 21.33
N GLN B 225 4.80 21.22 20.42
CA GLN B 225 5.14 20.22 19.42
C GLN B 225 6.06 20.78 18.34
N VAL B 226 6.06 22.11 18.19
CA VAL B 226 6.89 22.78 17.19
C VAL B 226 8.38 22.49 17.31
N ALA B 227 8.93 22.64 18.52
CA ALA B 227 10.35 22.38 18.74
C ALA B 227 10.65 20.90 18.50
N LEU B 228 9.73 20.04 18.93
CA LEU B 228 9.90 18.61 18.76
C LEU B 228 9.93 18.24 17.27
N ALA B 229 9.06 18.86 16.48
CA ALA B 229 9.01 18.60 15.05
C ALA B 229 10.35 18.99 14.42
N HIS B 230 10.88 20.11 14.88
CA HIS B 230 12.14 20.61 14.36
C HIS B 230 13.32 19.68 14.63
N GLU B 231 13.18 18.79 15.60
CA GLU B 231 14.25 17.85 15.89
C GLU B 231 14.28 16.75 14.83
N TYR B 232 13.13 16.51 14.22
CA TYR B 232 13.01 15.45 13.23
C TYR B 232 12.95 15.83 11.76
N PHE B 233 12.45 17.03 11.46
CA PHE B 233 12.34 17.47 10.08
C PHE B 233 13.22 18.68 9.80
N GLY B 234 13.64 18.80 8.55
CA GLY B 234 14.48 19.93 8.16
C GLY B 234 15.83 19.49 7.64
N PRO C 4 19.44 -18.73 -17.41
CA PRO C 4 19.47 -18.62 -15.93
C PRO C 4 18.14 -19.11 -15.37
N PRO C 5 18.15 -19.61 -14.11
CA PRO C 5 16.91 -20.10 -13.51
C PRO C 5 15.89 -18.97 -13.34
N ALA C 6 14.61 -19.32 -13.36
CA ALA C 6 13.55 -18.34 -13.17
C ALA C 6 13.63 -17.82 -11.74
N LEU C 7 14.02 -18.70 -10.83
CA LEU C 7 14.15 -18.36 -9.40
C LEU C 7 15.59 -18.38 -8.94
N LEU C 8 15.99 -17.31 -8.26
CA LEU C 8 17.34 -17.14 -7.74
C LEU C 8 17.21 -16.87 -6.23
N ARG C 9 17.64 -17.82 -5.41
CA ARG C 9 17.52 -17.69 -3.96
C ARG C 9 18.43 -16.63 -3.37
N SER C 10 19.61 -16.48 -3.96
CA SER C 10 20.59 -15.51 -3.47
C SER C 10 21.34 -14.87 -4.63
N VAL C 11 21.62 -13.59 -4.48
CA VAL C 11 22.34 -12.81 -5.47
C VAL C 11 23.41 -12.03 -4.71
N LEU C 12 24.67 -12.47 -4.88
CA LEU C 12 25.82 -11.88 -4.19
C LEU C 12 26.54 -10.81 -5.02
N PHE C 13 26.84 -9.68 -4.40
CA PHE C 13 27.51 -8.56 -5.06
C PHE C 13 29.03 -8.49 -4.85
N ALA C 14 29.73 -7.94 -5.85
CA ALA C 14 31.18 -7.76 -5.78
C ALA C 14 31.53 -6.52 -6.59
N PRO C 15 32.44 -5.69 -6.06
CA PRO C 15 32.83 -4.47 -6.78
C PRO C 15 33.41 -4.77 -8.15
N GLY C 16 32.95 -4.04 -9.16
CA GLY C 16 33.41 -4.24 -10.52
C GLY C 16 34.90 -4.04 -10.74
N ASN C 17 35.47 -3.05 -10.06
CA ASN C 17 36.89 -2.77 -10.20
C ASN C 17 37.77 -3.54 -9.24
N ARG C 18 37.28 -4.67 -8.73
CA ARG C 18 38.07 -5.47 -7.82
C ARG C 18 38.11 -6.92 -8.29
N ALA C 19 38.90 -7.12 -9.34
CA ALA C 19 39.11 -8.42 -9.98
C ALA C 19 39.35 -9.58 -9.01
N ASP C 20 39.99 -9.30 -7.88
CA ASP C 20 40.27 -10.36 -6.92
C ASP C 20 39.04 -10.83 -6.15
N LEU C 21 38.16 -9.90 -5.80
CA LEU C 21 36.94 -10.25 -5.07
C LEU C 21 35.96 -10.97 -5.99
N ILE C 22 35.92 -10.53 -7.25
CA ILE C 22 35.04 -11.14 -8.23
C ILE C 22 35.34 -12.64 -8.32
N ALA C 23 36.63 -12.97 -8.25
CA ALA C 23 37.07 -14.36 -8.34
C ALA C 23 36.69 -15.21 -7.14
N LYS C 24 36.50 -14.57 -5.98
CA LYS C 24 36.15 -15.29 -4.76
C LYS C 24 34.64 -15.57 -4.68
N LEU C 25 33.88 -14.90 -5.54
CA LEU C 25 32.43 -15.01 -5.62
C LEU C 25 31.80 -16.39 -5.49
N PRO C 26 32.34 -17.39 -6.21
CA PRO C 26 31.80 -18.75 -6.16
C PRO C 26 31.90 -19.48 -4.82
N ARG C 27 32.72 -18.96 -3.92
CA ARG C 27 32.94 -19.62 -2.62
C ARG C 27 31.69 -20.00 -1.83
N SER C 28 30.80 -19.03 -1.58
CA SER C 28 29.58 -19.28 -0.81
C SER C 28 28.52 -20.05 -1.58
N ALA C 29 28.79 -20.31 -2.85
CA ALA C 29 27.86 -21.04 -3.70
C ALA C 29 26.48 -20.38 -3.81
N PRO C 30 26.44 -19.10 -4.21
CA PRO C 30 25.17 -18.39 -4.34
C PRO C 30 24.56 -18.74 -5.70
N ASP C 31 23.24 -18.58 -5.83
CA ASP C 31 22.59 -18.88 -7.09
C ASP C 31 23.02 -17.92 -8.19
N ALA C 32 23.32 -16.68 -7.82
CA ALA C 32 23.73 -15.69 -8.80
C ALA C 32 24.67 -14.68 -8.18
N VAL C 33 25.49 -14.04 -9.01
CA VAL C 33 26.42 -13.03 -8.55
C VAL C 33 26.29 -11.82 -9.45
N VAL C 34 26.65 -10.66 -8.91
CA VAL C 34 26.55 -9.41 -9.65
C VAL C 34 27.85 -8.61 -9.59
N ILE C 35 28.48 -8.43 -10.75
CA ILE C 35 29.71 -7.67 -10.83
C ILE C 35 29.20 -6.23 -11.01
N ASP C 36 29.36 -5.44 -9.96
CA ASP C 36 28.83 -4.08 -9.94
C ASP C 36 29.67 -2.90 -10.37
N LEU C 37 29.25 -2.23 -11.43
CA LEU C 37 29.93 -1.05 -11.93
C LEU C 37 29.22 0.22 -11.42
N GLU C 38 28.10 0.05 -10.73
CA GLU C 38 27.35 1.23 -10.23
C GLU C 38 27.78 1.69 -8.84
N ASP C 39 26.98 1.36 -7.82
CA ASP C 39 27.27 1.76 -6.45
C ASP C 39 28.65 1.37 -5.91
N ALA C 40 29.07 0.14 -6.18
CA ALA C 40 30.35 -0.37 -5.69
C ALA C 40 31.58 0.44 -6.09
N VAL C 41 31.49 1.15 -7.21
CA VAL C 41 32.64 1.95 -7.68
C VAL C 41 32.36 3.44 -7.54
N PRO C 42 33.42 4.24 -7.28
CA PRO C 42 33.34 5.70 -7.12
C PRO C 42 32.74 6.42 -8.32
N GLY C 43 32.01 7.49 -8.03
CA GLY C 43 31.37 8.26 -9.09
C GLY C 43 32.28 9.31 -9.71
N THR C 44 33.26 8.85 -10.48
CA THR C 44 34.20 9.71 -11.19
C THR C 44 34.39 9.13 -12.57
N ALA C 45 34.16 9.93 -13.61
CA ALA C 45 34.28 9.49 -14.98
C ALA C 45 35.53 8.65 -15.26
N GLU C 46 36.54 8.78 -14.42
CA GLU C 46 37.79 8.04 -14.59
C GLU C 46 37.75 6.69 -13.87
N ALA C 47 37.21 6.67 -12.66
CA ALA C 47 37.14 5.45 -11.88
C ALA C 47 36.16 4.44 -12.50
N LYS C 48 35.27 4.94 -13.35
CA LYS C 48 34.28 4.10 -14.02
C LYS C 48 34.85 3.45 -15.27
N ALA C 49 35.46 4.26 -16.13
CA ALA C 49 36.05 3.74 -17.36
C ALA C 49 37.18 2.77 -17.06
N ALA C 50 37.80 2.96 -15.89
CA ALA C 50 38.89 2.11 -15.46
C ALA C 50 38.38 0.81 -14.86
N ALA C 51 37.10 0.77 -14.51
CA ALA C 51 36.53 -0.43 -13.93
C ALA C 51 35.97 -1.35 -15.01
N ARG C 52 35.67 -0.78 -16.17
CA ARG C 52 35.10 -1.56 -17.27
C ARG C 52 35.97 -2.74 -17.68
N PRO C 53 37.24 -2.49 -18.06
CA PRO C 53 38.10 -3.60 -18.47
C PRO C 53 38.31 -4.64 -17.38
N VAL C 54 38.39 -4.19 -16.14
CA VAL C 54 38.59 -5.09 -14.99
C VAL C 54 37.36 -5.97 -14.75
N ALA C 55 36.19 -5.38 -14.95
CA ALA C 55 34.93 -6.12 -14.76
C ALA C 55 34.79 -7.13 -15.89
N HIS C 56 35.00 -6.66 -17.12
CA HIS C 56 34.92 -7.50 -18.30
C HIS C 56 35.80 -8.73 -18.16
N ASP C 57 37.11 -8.52 -18.09
CA ASP C 57 38.06 -9.63 -17.97
C ASP C 57 37.76 -10.54 -16.79
N ALA C 58 37.27 -9.97 -15.68
CA ALA C 58 36.96 -10.77 -14.50
C ALA C 58 35.70 -11.62 -14.69
N ALA C 59 34.71 -11.05 -15.38
CA ALA C 59 33.46 -11.75 -15.65
C ALA C 59 33.73 -12.88 -16.65
N ARG C 60 34.49 -12.56 -17.69
CA ARG C 60 34.85 -13.53 -18.72
C ARG C 60 35.45 -14.79 -18.10
N ASP C 61 36.44 -14.60 -17.23
CA ASP C 61 37.10 -15.75 -16.60
C ASP C 61 36.23 -16.43 -15.55
N LEU C 62 35.36 -15.66 -14.91
CA LEU C 62 34.47 -16.22 -13.88
C LEU C 62 33.42 -17.14 -14.49
N ILE C 63 32.81 -16.71 -15.58
CA ILE C 63 31.78 -17.51 -16.24
C ILE C 63 32.36 -18.86 -16.67
N ALA C 64 33.56 -18.85 -17.23
CA ALA C 64 34.19 -20.09 -17.67
C ALA C 64 34.55 -21.00 -16.49
N ALA C 65 34.94 -20.40 -15.36
CA ALA C 65 35.31 -21.18 -14.18
C ALA C 65 34.10 -21.83 -13.49
N ALA C 66 32.93 -21.23 -13.68
CA ALA C 66 31.69 -21.75 -13.10
C ALA C 66 30.56 -21.51 -14.10
N PRO C 67 30.49 -22.32 -15.18
CA PRO C 67 29.52 -22.26 -16.27
C PRO C 67 28.01 -22.32 -15.93
N HIS C 68 27.67 -22.96 -14.82
CA HIS C 68 26.26 -23.06 -14.42
C HIS C 68 25.82 -21.83 -13.62
N LEU C 69 26.76 -21.30 -12.84
CA LEU C 69 26.54 -20.12 -12.00
C LEU C 69 25.98 -18.95 -12.81
N ALA C 70 24.90 -18.35 -12.34
CA ALA C 70 24.30 -17.21 -13.03
C ALA C 70 25.14 -15.97 -12.76
N VAL C 71 25.81 -15.49 -13.80
CA VAL C 71 26.66 -14.33 -13.67
C VAL C 71 26.09 -13.07 -14.32
N PHE C 72 25.91 -12.04 -13.49
CA PHE C 72 25.34 -10.76 -13.92
C PHE C 72 26.35 -9.63 -13.72
N VAL C 73 26.19 -8.57 -14.50
CA VAL C 73 27.00 -7.38 -14.38
C VAL C 73 25.99 -6.26 -14.20
N ARG C 74 26.14 -5.43 -13.17
CA ARG C 74 25.21 -4.32 -13.00
C ARG C 74 25.86 -3.10 -13.61
N VAL C 75 25.19 -2.54 -14.61
CA VAL C 75 25.70 -1.36 -15.26
C VAL C 75 25.16 -0.15 -14.50
N ASN C 76 25.50 1.05 -14.96
CA ASN C 76 25.02 2.26 -14.29
C ASN C 76 23.64 2.63 -14.80
N ALA C 77 22.96 3.52 -14.10
CA ALA C 77 21.61 3.95 -14.48
C ALA C 77 21.52 4.38 -15.95
N LEU C 78 20.36 4.15 -16.55
CA LEU C 78 20.11 4.48 -17.95
C LEU C 78 20.44 5.93 -18.29
N HIS C 79 20.07 6.85 -17.41
CA HIS C 79 20.31 8.27 -17.66
C HIS C 79 21.64 8.77 -17.09
N SER C 80 22.48 7.85 -16.63
CA SER C 80 23.77 8.24 -16.10
C SER C 80 24.69 8.48 -17.29
N PRO C 81 25.86 9.09 -17.05
CA PRO C 81 26.81 9.36 -18.14
C PRO C 81 27.63 8.12 -18.49
N TYR C 82 27.48 7.08 -17.69
CA TYR C 82 28.23 5.85 -17.87
C TYR C 82 27.54 4.69 -18.60
N PHE C 83 26.21 4.69 -18.58
CA PHE C 83 25.42 3.63 -19.21
C PHE C 83 25.91 3.16 -20.59
N GLU C 84 26.03 4.09 -21.51
CA GLU C 84 26.46 3.82 -22.88
C GLU C 84 27.73 2.98 -22.93
N ASP C 85 28.80 3.51 -22.36
CA ASP C 85 30.08 2.82 -22.34
C ASP C 85 30.08 1.54 -21.52
N ASP C 86 29.18 1.44 -20.54
CA ASP C 86 29.11 0.24 -19.71
C ASP C 86 28.67 -0.97 -20.54
N LEU C 87 27.81 -0.72 -21.52
CA LEU C 87 27.29 -1.79 -22.37
C LEU C 87 28.40 -2.54 -23.11
N SER C 88 29.43 -1.80 -23.54
CA SER C 88 30.55 -2.36 -24.27
C SER C 88 31.25 -3.47 -23.50
N VAL C 89 31.05 -3.47 -22.18
CA VAL C 89 31.64 -4.45 -21.27
C VAL C 89 30.89 -5.79 -21.25
N LEU C 90 29.62 -5.75 -21.59
CA LEU C 90 28.78 -6.96 -21.57
C LEU C 90 29.07 -7.96 -22.68
N THR C 91 28.77 -9.23 -22.41
CA THR C 91 28.97 -10.28 -23.39
C THR C 91 27.81 -11.25 -23.34
N PRO C 92 27.59 -11.99 -24.43
CA PRO C 92 26.49 -12.97 -24.51
C PRO C 92 26.59 -14.08 -23.47
N GLU C 93 27.79 -14.33 -22.95
CA GLU C 93 27.97 -15.39 -21.96
C GLU C 93 27.36 -15.05 -20.58
N LEU C 94 27.07 -13.78 -20.35
CA LEU C 94 26.47 -13.38 -19.08
C LEU C 94 25.05 -13.95 -18.98
N SER C 95 24.58 -14.16 -17.76
CA SER C 95 23.24 -14.67 -17.56
C SER C 95 22.23 -13.55 -17.78
N GLY C 96 22.65 -12.31 -17.50
CA GLY C 96 21.78 -11.17 -17.68
C GLY C 96 22.47 -9.87 -17.31
N VAL C 97 21.74 -8.76 -17.40
CA VAL C 97 22.29 -7.46 -17.04
C VAL C 97 21.41 -6.79 -15.99
N VAL C 98 22.03 -6.21 -14.96
CA VAL C 98 21.29 -5.54 -13.90
C VAL C 98 21.24 -4.05 -14.21
N VAL C 99 20.04 -3.50 -14.30
CA VAL C 99 19.87 -2.08 -14.58
C VAL C 99 19.21 -1.44 -13.37
N PRO C 100 19.98 -0.63 -12.63
CA PRO C 100 19.47 0.05 -11.43
C PRO C 100 18.61 1.26 -11.72
N LYS C 101 17.81 1.64 -10.73
CA LYS C 101 16.94 2.81 -10.83
C LYS C 101 16.04 2.98 -12.05
N LEU C 102 15.42 1.89 -12.49
CA LEU C 102 14.49 1.98 -13.62
C LEU C 102 13.24 2.64 -13.08
N GLU C 103 12.64 3.55 -13.84
CA GLU C 103 11.48 4.27 -13.36
C GLU C 103 10.24 4.25 -14.25
N MET C 104 10.38 3.73 -15.47
CA MET C 104 9.25 3.66 -16.39
C MET C 104 9.37 2.46 -17.31
N GLY C 105 8.22 1.98 -17.79
CA GLY C 105 8.23 0.85 -18.70
C GLY C 105 9.02 1.25 -19.94
N ALA C 106 8.92 2.52 -20.30
CA ALA C 106 9.62 3.03 -21.47
C ALA C 106 11.13 2.95 -21.31
N GLU C 107 11.64 3.13 -20.10
CA GLU C 107 13.09 3.06 -19.88
C GLU C 107 13.56 1.62 -20.06
N ALA C 108 12.77 0.67 -19.54
CA ALA C 108 13.11 -0.75 -19.67
C ALA C 108 13.11 -1.18 -21.13
N ARG C 109 12.15 -0.68 -21.90
CA ARG C 109 12.09 -1.01 -23.31
C ARG C 109 13.28 -0.40 -24.04
N GLN C 110 13.70 0.78 -23.59
CA GLN C 110 14.85 1.46 -24.19
C GLN C 110 16.09 0.61 -23.98
N VAL C 111 16.31 0.18 -22.75
CA VAL C 111 17.45 -0.64 -22.43
C VAL C 111 17.43 -1.90 -23.30
N ALA C 112 16.29 -2.58 -23.32
CA ALA C 112 16.14 -3.80 -24.11
C ALA C 112 16.53 -3.56 -25.57
N GLN C 113 16.04 -2.47 -26.15
CA GLN C 113 16.34 -2.16 -27.54
C GLN C 113 17.83 -1.91 -27.76
N MET C 114 18.43 -1.11 -26.89
CA MET C 114 19.85 -0.82 -27.00
C MET C 114 20.69 -2.09 -26.92
N LEU C 115 20.29 -3.00 -26.03
CA LEU C 115 21.01 -4.26 -25.88
C LEU C 115 20.95 -5.07 -27.17
N GLN C 116 19.77 -5.13 -27.77
CA GLN C 116 19.59 -5.88 -29.00
C GLN C 116 20.40 -5.28 -30.14
N GLU C 117 20.44 -3.95 -30.21
CA GLU C 117 21.18 -3.25 -31.25
C GLU C 117 22.69 -3.50 -31.12
N ARG C 118 23.15 -3.73 -29.90
CA ARG C 118 24.56 -4.00 -29.62
C ARG C 118 24.80 -5.50 -29.66
N SER C 119 23.80 -6.24 -30.14
CA SER C 119 23.86 -7.70 -30.24
C SER C 119 24.18 -8.34 -28.90
N LEU C 120 23.46 -7.92 -27.86
CA LEU C 120 23.63 -8.46 -26.52
C LEU C 120 22.29 -8.99 -26.03
N PRO C 121 22.03 -10.29 -26.25
CA PRO C 121 20.80 -10.97 -25.85
C PRO C 121 20.82 -11.24 -24.35
N LEU C 122 20.62 -10.20 -23.56
CA LEU C 122 20.67 -10.35 -22.12
C LEU C 122 19.38 -9.99 -21.39
N PRO C 123 18.83 -10.94 -20.62
CA PRO C 123 17.60 -10.66 -19.87
C PRO C 123 17.95 -9.57 -18.85
N ILE C 124 16.96 -8.77 -18.47
CA ILE C 124 17.17 -7.67 -17.55
C ILE C 124 16.72 -7.93 -16.12
N LEU C 125 17.57 -7.58 -15.16
CA LEU C 125 17.25 -7.73 -13.75
C LEU C 125 17.05 -6.26 -13.38
N ALA C 126 15.78 -5.87 -13.25
CA ALA C 126 15.45 -4.49 -12.97
C ALA C 126 15.60 -4.04 -11.52
N GLY C 127 16.19 -2.85 -11.35
CA GLY C 127 16.34 -2.31 -10.02
C GLY C 127 15.20 -1.32 -9.75
N LEU C 128 14.30 -1.68 -8.85
CA LEU C 128 13.17 -0.81 -8.50
C LEU C 128 13.57 -0.24 -7.16
N GLU C 129 14.13 0.97 -7.16
CA GLU C 129 14.62 1.54 -5.92
C GLU C 129 14.50 3.06 -5.80
N THR C 130 13.44 3.61 -6.37
CA THR C 130 13.16 5.03 -6.29
C THR C 130 11.65 5.13 -6.23
N GLY C 131 11.13 6.31 -5.93
CA GLY C 131 9.68 6.46 -5.85
C GLY C 131 8.98 6.05 -7.13
N ALA C 132 9.47 6.53 -8.26
CA ALA C 132 8.85 6.23 -9.54
C ALA C 132 9.01 4.74 -9.90
N GLY C 133 10.11 4.14 -9.49
CA GLY C 133 10.32 2.72 -9.78
C GLY C 133 9.25 1.90 -9.11
N VAL C 134 8.97 2.23 -7.84
CA VAL C 134 7.94 1.52 -7.08
C VAL C 134 6.55 1.83 -7.63
N TRP C 135 6.29 3.10 -7.90
CA TRP C 135 4.99 3.53 -8.42
C TRP C 135 4.62 2.84 -9.73
N ASN C 136 5.60 2.72 -10.62
CA ASN C 136 5.38 2.10 -11.92
C ASN C 136 5.97 0.68 -11.94
N ALA C 137 5.99 0.01 -10.79
CA ALA C 137 6.54 -1.33 -10.71
C ALA C 137 5.96 -2.30 -11.76
N ARG C 138 4.63 -2.36 -11.84
CA ARG C 138 4.02 -3.27 -12.80
C ARG C 138 4.40 -2.95 -14.24
N GLU C 139 4.28 -1.68 -14.63
CA GLU C 139 4.60 -1.30 -16.00
C GLU C 139 6.05 -1.60 -16.38
N ILE C 140 6.97 -1.48 -15.43
CA ILE C 140 8.37 -1.78 -15.73
C ILE C 140 8.55 -3.30 -15.86
N MET C 141 7.98 -4.06 -14.92
CA MET C 141 8.10 -5.52 -14.95
C MET C 141 7.35 -6.25 -16.07
N GLU C 142 6.39 -5.59 -16.71
CA GLU C 142 5.68 -6.27 -17.80
C GLU C 142 6.49 -6.26 -19.10
N VAL C 143 7.53 -5.43 -19.17
CA VAL C 143 8.37 -5.42 -20.36
C VAL C 143 8.91 -6.85 -20.46
N PRO C 144 8.74 -7.50 -21.63
CA PRO C 144 9.19 -8.88 -21.85
C PRO C 144 10.61 -9.23 -21.40
N GLU C 145 11.57 -8.39 -21.75
CA GLU C 145 12.97 -8.65 -21.40
C GLU C 145 13.27 -8.69 -19.90
N VAL C 146 12.41 -8.09 -19.08
CA VAL C 146 12.61 -8.08 -17.63
C VAL C 146 12.23 -9.43 -17.05
N ALA C 147 13.22 -10.14 -16.49
CA ALA C 147 12.99 -11.45 -15.91
C ALA C 147 12.93 -11.47 -14.39
N TRP C 148 13.71 -10.59 -13.75
CA TRP C 148 13.71 -10.50 -12.29
C TRP C 148 13.81 -9.03 -11.92
N ALA C 149 13.46 -8.72 -10.67
CA ALA C 149 13.54 -7.35 -10.20
C ALA C 149 13.78 -7.38 -8.70
N TYR C 150 14.51 -6.38 -8.21
CA TYR C 150 14.78 -6.29 -6.78
C TYR C 150 14.26 -4.96 -6.27
N PHE C 151 13.85 -4.93 -5.01
CA PHE C 151 13.40 -3.69 -4.39
C PHE C 151 14.59 -3.17 -3.59
N GLY C 152 15.05 -1.97 -3.92
CA GLY C 152 16.19 -1.41 -3.20
C GLY C 152 15.73 -0.42 -2.16
N ALA C 153 15.51 -0.90 -0.94
CA ALA C 153 15.04 -0.06 0.14
C ALA C 153 15.95 1.13 0.46
N GLU C 154 17.26 0.93 0.37
CA GLU C 154 18.21 2.00 0.66
C GLU C 154 18.00 3.21 -0.23
N ASP C 155 18.04 3.01 -1.54
CA ASP C 155 17.85 4.13 -2.45
C ASP C 155 16.41 4.60 -2.50
N TYR C 156 15.47 3.75 -2.10
CA TYR C 156 14.06 4.18 -2.10
C TYR C 156 13.90 5.23 -1.00
N THR C 157 14.32 4.91 0.22
CA THR C 157 14.17 5.88 1.30
C THR C 157 14.95 7.15 0.99
N THR C 158 16.14 7.00 0.42
CA THR C 158 16.93 8.18 0.07
C THR C 158 16.16 9.04 -0.92
N ASP C 159 15.53 8.40 -1.91
CA ASP C 159 14.77 9.13 -2.93
C ASP C 159 13.56 9.89 -2.38
N LEU C 160 12.90 9.33 -1.37
CA LEU C 160 11.73 9.99 -0.78
C LEU C 160 12.14 10.94 0.34
N GLY C 161 13.41 10.91 0.73
CA GLY C 161 13.89 11.75 1.81
C GLY C 161 13.54 11.13 3.14
N GLY C 162 13.39 9.80 3.14
CA GLY C 162 13.05 9.09 4.36
C GLY C 162 14.26 8.59 5.12
N LYS C 163 14.06 7.56 5.92
CA LYS C 163 15.14 7.00 6.72
C LYS C 163 14.81 5.53 7.00
N ARG C 164 15.84 4.70 7.05
CA ARG C 164 15.66 3.27 7.29
C ARG C 164 15.65 2.89 8.76
N THR C 165 14.89 1.85 9.09
CA THR C 165 14.81 1.32 10.43
C THR C 165 14.92 -0.20 10.33
N PRO C 166 15.20 -0.88 11.45
CA PRO C 166 15.32 -2.34 11.46
C PRO C 166 14.00 -3.04 11.09
N GLY C 167 12.90 -2.53 11.63
CA GLY C 167 11.60 -3.09 11.34
C GLY C 167 11.19 -2.88 9.89
N GLY C 168 11.70 -1.80 9.31
CA GLY C 168 11.40 -1.48 7.93
C GLY C 168 9.97 -1.12 7.60
N LEU C 169 9.18 -0.71 8.58
CA LEU C 169 7.79 -0.34 8.33
C LEU C 169 7.71 0.82 7.34
N GLU C 170 8.77 1.60 7.26
CA GLU C 170 8.81 2.76 6.36
C GLU C 170 8.88 2.38 4.88
N VAL C 171 9.13 1.11 4.58
CA VAL C 171 9.20 0.65 3.19
C VAL C 171 8.29 -0.56 3.01
N LEU C 172 7.42 -0.82 3.98
CA LEU C 172 6.53 -1.99 3.90
C LEU C 172 5.57 -1.86 2.72
N TYR C 173 5.01 -0.67 2.54
CA TYR C 173 4.09 -0.40 1.44
C TYR C 173 4.81 -0.67 0.11
N ALA C 174 5.99 -0.09 -0.04
CA ALA C 174 6.78 -0.27 -1.24
C ALA C 174 7.19 -1.74 -1.46
N ARG C 175 7.69 -2.40 -0.42
CA ARG C 175 8.11 -3.79 -0.56
C ARG C 175 6.92 -4.70 -0.92
N SER C 176 5.75 -4.39 -0.35
CA SER C 176 4.57 -5.20 -0.61
C SER C 176 4.08 -5.00 -2.04
N GLN C 177 4.16 -3.76 -2.52
CA GLN C 177 3.71 -3.44 -3.87
C GLN C 177 4.59 -4.09 -4.93
N VAL C 178 5.91 -4.09 -4.71
CA VAL C 178 6.81 -4.71 -5.67
C VAL C 178 6.56 -6.22 -5.75
N ALA C 179 6.37 -6.85 -4.60
CA ALA C 179 6.12 -8.29 -4.54
C ALA C 179 4.85 -8.66 -5.32
N LEU C 180 3.81 -7.85 -5.14
CA LEU C 180 2.53 -8.06 -5.80
C LEU C 180 2.65 -7.84 -7.31
N ALA C 181 3.33 -6.78 -7.71
CA ALA C 181 3.51 -6.49 -9.13
C ALA C 181 4.36 -7.59 -9.78
N ALA C 182 5.32 -8.11 -9.05
CA ALA C 182 6.18 -9.17 -9.60
C ALA C 182 5.33 -10.41 -9.89
N ARG C 183 4.43 -10.73 -8.97
CA ARG C 183 3.54 -11.88 -9.13
C ARG C 183 2.66 -11.75 -10.37
N LEU C 184 2.06 -10.58 -10.52
CA LEU C 184 1.15 -10.29 -11.62
C LEU C 184 1.80 -10.29 -12.99
N THR C 185 3.12 -10.11 -13.04
CA THR C 185 3.83 -10.06 -14.31
C THR C 185 4.69 -11.30 -14.58
N GLY C 186 4.74 -12.22 -13.63
CA GLY C 186 5.54 -13.42 -13.80
C GLY C 186 7.02 -13.17 -13.59
N VAL C 187 7.35 -12.06 -12.93
CA VAL C 187 8.73 -11.70 -12.68
C VAL C 187 9.18 -12.14 -11.29
N ALA C 188 10.43 -12.59 -11.18
CA ALA C 188 10.99 -13.03 -9.90
C ALA C 188 11.35 -11.81 -9.05
N ALA C 189 10.86 -11.76 -7.83
CA ALA C 189 11.13 -10.63 -6.93
C ALA C 189 12.27 -10.94 -5.95
N LEU C 190 13.25 -10.06 -5.89
CA LEU C 190 14.41 -10.22 -5.02
C LEU C 190 14.36 -9.20 -3.87
N ASP C 191 14.43 -9.70 -2.64
CA ASP C 191 14.34 -8.87 -1.44
C ASP C 191 15.50 -7.93 -1.14
N ILE C 192 15.22 -6.98 -0.25
CA ILE C 192 16.17 -5.93 0.15
C ILE C 192 17.46 -6.39 0.82
N VAL C 193 18.50 -5.58 0.67
CA VAL C 193 19.78 -5.87 1.27
C VAL C 193 19.73 -5.61 2.78
N VAL C 194 20.62 -6.29 3.50
CA VAL C 194 20.76 -6.14 4.94
C VAL C 194 22.20 -5.66 5.13
N THR C 195 22.36 -4.38 5.45
CA THR C 195 23.69 -3.77 5.63
C THR C 195 24.41 -4.11 6.93
N ALA C 196 23.74 -4.81 7.83
CA ALA C 196 24.34 -5.19 9.11
C ALA C 196 25.04 -6.55 8.96
N LEU C 197 26.35 -6.51 8.70
CA LEU C 197 27.11 -7.73 8.49
C LEU C 197 27.74 -8.38 9.74
N ASN C 198 27.22 -8.04 10.92
CA ASN C 198 27.76 -8.61 12.15
C ASN C 198 26.76 -9.43 12.97
N ASP C 199 25.48 -9.32 12.63
CA ASP C 199 24.44 -10.06 13.36
C ASP C 199 23.56 -10.89 12.43
N PRO C 200 23.69 -12.23 12.50
CA PRO C 200 22.91 -13.15 11.68
C PRO C 200 21.42 -13.17 12.01
N GLU C 201 21.08 -12.66 13.19
CA GLU C 201 19.68 -12.60 13.60
C GLU C 201 18.94 -11.49 12.91
N THR C 202 19.62 -10.37 12.68
CA THR C 202 19.00 -9.26 12.00
C THR C 202 18.65 -9.74 10.59
N PHE C 203 19.58 -10.42 9.94
CA PHE C 203 19.36 -10.94 8.59
C PHE C 203 18.26 -12.00 8.58
N ARG C 204 18.31 -12.93 9.52
CA ARG C 204 17.32 -13.99 9.58
C ARG C 204 15.90 -13.44 9.70
N ALA C 205 15.72 -12.46 10.58
CA ALA C 205 14.41 -11.86 10.79
C ALA C 205 13.98 -11.05 9.58
N ASP C 206 14.95 -10.39 8.94
CA ASP C 206 14.69 -9.57 7.76
C ASP C 206 14.30 -10.45 6.58
N ALA C 207 15.03 -11.56 6.41
CA ALA C 207 14.77 -12.50 5.34
C ALA C 207 13.40 -13.14 5.50
N GLU C 208 13.03 -13.40 6.75
CA GLU C 208 11.73 -14.00 7.03
C GLU C 208 10.61 -13.06 6.61
N GLN C 209 10.83 -11.75 6.75
CA GLN C 209 9.82 -10.78 6.37
C GLN C 209 9.68 -10.80 4.85
N GLY C 210 10.81 -10.82 4.15
CA GLY C 210 10.79 -10.82 2.70
C GLY C 210 10.11 -12.07 2.16
N ARG C 211 10.43 -13.22 2.75
CA ARG C 211 9.84 -14.47 2.33
C ARG C 211 8.33 -14.43 2.50
N ALA C 212 7.88 -13.99 3.68
CA ALA C 212 6.45 -13.92 3.96
C ALA C 212 5.70 -13.05 2.95
N LEU C 213 6.35 -11.97 2.48
CA LEU C 213 5.74 -11.05 1.51
C LEU C 213 5.66 -11.54 0.06
N GLY C 214 6.31 -12.67 -0.24
CA GLY C 214 6.26 -13.17 -1.59
C GLY C 214 7.55 -13.09 -2.40
N TYR C 215 8.65 -12.63 -1.80
CA TYR C 215 9.92 -12.56 -2.51
C TYR C 215 10.50 -13.97 -2.65
N SER C 216 11.15 -14.24 -3.78
CA SER C 216 11.70 -15.57 -4.04
C SER C 216 13.21 -15.68 -3.84
N GLY C 217 13.85 -14.55 -3.57
CA GLY C 217 15.28 -14.54 -3.35
C GLY C 217 15.64 -13.26 -2.62
N LYS C 218 16.91 -13.09 -2.27
CA LYS C 218 17.31 -11.90 -1.54
C LYS C 218 18.71 -11.46 -1.93
N LEU C 219 18.90 -10.14 -2.06
CA LEU C 219 20.21 -9.61 -2.42
C LEU C 219 21.16 -9.84 -1.25
N CYS C 220 22.40 -10.21 -1.56
CA CYS C 220 23.39 -10.47 -0.53
C CYS C 220 24.63 -9.63 -0.77
N ILE C 221 25.18 -9.05 0.29
CA ILE C 221 26.38 -8.23 0.18
C ILE C 221 27.59 -8.88 0.84
N HIS C 222 27.35 -9.98 1.55
CA HIS C 222 28.43 -10.72 2.20
C HIS C 222 28.18 -12.22 2.08
N PRO C 223 29.23 -12.98 1.72
CA PRO C 223 29.16 -14.43 1.54
C PRO C 223 28.38 -15.17 2.61
N ALA C 224 28.50 -14.72 3.85
CA ALA C 224 27.81 -15.37 4.95
C ALA C 224 26.29 -15.30 4.85
N GLN C 225 25.77 -14.22 4.24
CA GLN C 225 24.33 -14.06 4.10
C GLN C 225 23.72 -15.07 3.13
N VAL C 226 24.54 -15.61 2.24
CA VAL C 226 24.07 -16.58 1.26
C VAL C 226 23.43 -17.81 1.92
N ALA C 227 24.15 -18.39 2.87
CA ALA C 227 23.65 -19.57 3.57
C ALA C 227 22.35 -19.26 4.31
N LEU C 228 22.28 -18.07 4.89
CA LEU C 228 21.09 -17.63 5.63
C LEU C 228 19.91 -17.45 4.67
N ALA C 229 20.18 -16.90 3.50
CA ALA C 229 19.13 -16.71 2.51
C ALA C 229 18.52 -18.05 2.13
N HIS C 230 19.37 -19.03 1.88
CA HIS C 230 18.89 -20.36 1.49
C HIS C 230 18.09 -21.02 2.60
N GLU C 231 18.17 -20.47 3.80
CA GLU C 231 17.41 -21.02 4.91
C GLU C 231 15.94 -20.61 4.77
N TYR C 232 15.70 -19.47 4.12
CA TYR C 232 14.34 -18.97 3.96
C TYR C 232 13.75 -19.01 2.55
N PHE C 233 14.59 -18.89 1.54
CA PHE C 233 14.12 -18.91 0.16
C PHE C 233 14.50 -20.21 -0.54
N GLY C 234 13.58 -20.75 -1.33
CA GLY C 234 13.87 -21.99 -2.04
C GLY C 234 12.65 -22.86 -2.26
#